data_5YU7
#
_entry.id   5YU7
#
_cell.length_a   286.163
_cell.length_b   286.163
_cell.length_c   59.349
_cell.angle_alpha   90.00
_cell.angle_beta   90.00
_cell.angle_gamma   120.00
#
_symmetry.space_group_name_H-M   'P 64'
#
_entity_poly.entity_id   1
_entity_poly.type   'polypeptide(L)'
_entity_poly.pdbx_seq_one_letter_code
;MAMDQVNALCEQLVKAVTVMMDPNSTQRYRLEALKFCEEFKEKCPICVPCGLRLAEKTQVAIVRHFGLQILEHVVKFRWN
GMSRLEKVYLKNSVMELIANGTLNILEEENHIKDALSRIVVEMIKREWPQHWPDMLIELDTLSKQGETQTELVMFILLRL
AEDVVTFQTLPPQRRRDIQQTLTQNMERIFSFLLNTLQENVNKYQQVKTDTSQESKAQANCRVGVAALNTLAGYIDWVSM
SHITAENCKLLEILCLLLNEQELQLGAAECLLIAVSRKGKLEDRKPLMVLFGDVAMHYILSAAQTADGGGLVEKHYVFLK
RLCQVLCALGNQLCALLGADSDVETPSNFGKYLESFLAFTTHPSQFLRSSTQMTWGALFRHEILSRDPLLLAIIPKYLRA
SMTNLVKMGFPSKTDSPSCEYSRFDFDSDEDFNAFFNSSRAQQGEVMRLACRLDPKTSFQMAGEWLKYQLSTFLDAGSVN
SCSAVGTGEGSLCSVFSPSFVQWEAMTLFLESVITQMFRTLNREEIPVNDGIELLQMVLNFDTKDPLILSCVLTNVSALF
PFVTYRPEFLPQVFSKLFSSVTFETVEESKAPRTRAVRNVRRHACSSIIKMCRDYPQLVLPNFDMLYNHVKQLLSNELLL
TQMEKCALMEALVLISNQFKNYERQKVFLEELMAPVASIWLSQDMHRVLSDVDAFIAYVGTDQKSCDPGLEDPCGLNRAR
MSFCVYSILGVVKRTCWPTDLEEAKAGGFVVGYTSSGNPIFRNPCTEQILKLLDNLLALIRTHNTLYAPEMLAKMAEPFT
KALDMLDAEKSAILGLPQPLLELNDSPVFKTVLERMQRFFSTLYENCFHILGKAGPSMQQDFYTVEDLATQLLSSAFVNL
NNIPDYRLRPMLRVFVKPLVLFCPPEHYEALVSPILGPLFTYLHMRLSQKWQVINQRSLLCGEDEAADENPESQEMLEEQ
LVRMLTREVMDLITVCCVSKKGADHSSAPPADGDDEEMMATEVTPSAMAELTDLGKCLMKHEDVCTALLITAFNSLAWKD
TLSCQRTTSQLCWPLLKQVLSGTLLADAVTWLFTSVLKGLQMHGQHDGCMASLVHLAFQIYEALRPRYLEIRAVMEQIPE
IQKDSLDQFDCKLLNPSLQKVADKRRKDQFKRLIAGCIGKPLGEQFRKEVHIKNLPSLFKKTKPMLETEVLDNDGGGLAT
IFEP
;
_entity_poly.pdbx_strand_id   A
#
# COMPACT_ATOMS: atom_id res chain seq x y z
N GLN A 5 58.85 18.16 -9.09
CA GLN A 5 57.89 19.26 -9.11
C GLN A 5 56.46 18.73 -9.00
N VAL A 6 56.21 17.60 -9.64
CA VAL A 6 54.91 16.92 -9.55
C VAL A 6 54.95 15.78 -8.54
N ASN A 7 56.07 15.07 -8.46
CA ASN A 7 56.22 14.02 -7.46
C ASN A 7 56.22 14.58 -6.06
N ALA A 8 56.74 15.81 -5.89
CA ALA A 8 56.65 16.47 -4.59
C ALA A 8 55.23 16.89 -4.28
N LEU A 9 54.51 17.38 -5.30
CA LEU A 9 53.09 17.70 -5.11
C LEU A 9 52.28 16.46 -4.82
N CYS A 10 52.60 15.34 -5.49
CA CYS A 10 51.94 14.08 -5.19
C CYS A 10 52.26 13.61 -3.78
N GLU A 11 53.48 13.85 -3.30
CA GLU A 11 53.80 13.55 -1.91
C GLU A 11 52.98 14.41 -0.96
N GLN A 12 52.78 15.69 -1.31
CA GLN A 12 51.94 16.56 -0.50
C GLN A 12 50.50 16.03 -0.45
N LEU A 13 50.01 15.52 -1.59
CA LEU A 13 48.68 14.91 -1.61
C LEU A 13 48.64 13.68 -0.72
N VAL A 14 49.65 12.81 -0.83
CA VAL A 14 49.70 11.60 0.00
C VAL A 14 49.70 11.97 1.47
N LYS A 15 50.39 13.06 1.84
CA LYS A 15 50.32 13.56 3.20
C LYS A 15 48.89 13.98 3.54
N ALA A 16 48.23 14.67 2.61
CA ALA A 16 46.84 15.10 2.86
C ALA A 16 45.92 13.91 3.09
N VAL A 17 46.17 12.79 2.42
CA VAL A 17 45.33 11.60 2.61
C VAL A 17 45.66 10.92 3.92
N THR A 18 46.95 10.72 4.20
CA THR A 18 47.33 10.02 5.42
C THR A 18 46.99 10.80 6.68
N VAL A 19 46.81 12.12 6.56
CA VAL A 19 46.28 12.89 7.69
C VAL A 19 44.78 13.07 7.59
N MET A 20 44.18 12.84 6.43
CA MET A 20 42.74 12.98 6.27
C MET A 20 42.01 11.76 6.84
N MET A 21 42.36 10.57 6.38
CA MET A 21 41.72 9.35 6.84
C MET A 21 42.54 8.73 7.97
N ASP A 22 42.57 9.44 9.09
CA ASP A 22 43.31 9.03 10.27
C ASP A 22 42.55 9.44 11.53
N PRO A 23 42.12 8.50 12.36
CA PRO A 23 41.39 8.87 13.58
C PRO A 23 42.21 9.67 14.58
N ASN A 24 43.54 9.59 14.52
CA ASN A 24 44.38 10.34 15.45
C ASN A 24 44.48 11.83 15.10
N SER A 25 44.07 12.21 13.90
CA SER A 25 44.24 13.59 13.45
C SER A 25 43.20 14.49 14.12
N THR A 26 43.66 15.64 14.62
CA THR A 26 42.75 16.65 15.14
C THR A 26 41.95 17.26 13.99
N GLN A 27 40.85 17.93 14.34
CA GLN A 27 39.94 18.43 13.32
C GLN A 27 40.54 19.57 12.52
N ARG A 28 41.44 20.36 13.12
CA ARG A 28 42.00 21.51 12.42
C ARG A 28 42.90 21.08 11.27
N TYR A 29 43.91 20.26 11.57
CA TYR A 29 44.72 19.67 10.51
C TYR A 29 43.85 18.89 9.53
N ARG A 30 42.82 18.23 10.04
CA ARG A 30 41.91 17.46 9.18
C ARG A 30 41.14 18.38 8.23
N LEU A 31 40.54 19.44 8.76
CA LEU A 31 39.74 20.33 7.92
C LEU A 31 40.62 21.05 6.91
N GLU A 32 41.84 21.45 7.31
CA GLU A 32 42.74 22.08 6.36
C GLU A 32 43.18 21.11 5.27
N ALA A 33 43.39 19.84 5.64
CA ALA A 33 43.72 18.82 4.64
C ALA A 33 42.57 18.63 3.65
N LEU A 34 41.34 18.54 4.16
CA LEU A 34 40.17 18.45 3.29
C LEU A 34 40.10 19.65 2.34
N LYS A 35 40.34 20.85 2.87
CA LYS A 35 40.35 22.04 2.03
C LYS A 35 41.42 21.94 0.94
N PHE A 36 42.58 21.37 1.28
CA PHE A 36 43.63 21.23 0.27
C PHE A 36 43.26 20.19 -0.78
N CYS A 37 42.50 19.17 -0.41
CA CYS A 37 42.10 18.15 -1.38
C CYS A 37 41.04 18.69 -2.33
N GLU A 38 39.93 19.20 -1.78
CA GLU A 38 38.87 19.74 -2.62
C GLU A 38 39.37 20.93 -3.44
N GLU A 39 40.22 21.76 -2.84
CA GLU A 39 40.85 22.85 -3.58
C GLU A 39 41.87 22.33 -4.60
N PHE A 40 42.39 21.12 -4.41
CA PHE A 40 43.24 20.52 -5.44
C PHE A 40 42.40 20.07 -6.64
N LYS A 41 41.23 19.48 -6.38
CA LYS A 41 40.36 19.07 -7.47
C LYS A 41 39.81 20.30 -8.21
N GLU A 42 39.43 21.35 -7.47
CA GLU A 42 38.75 22.49 -8.07
C GLU A 42 39.73 23.49 -8.67
N LYS A 43 40.88 23.70 -8.03
CA LYS A 43 41.76 24.81 -8.35
C LYS A 43 42.97 24.43 -9.19
N CYS A 44 43.26 23.14 -9.37
CA CYS A 44 44.52 22.82 -10.02
C CYS A 44 44.32 22.34 -11.46
N PRO A 45 45.13 22.81 -12.40
CA PRO A 45 45.10 22.28 -13.76
C PRO A 45 46.02 21.09 -14.00
N ILE A 46 46.90 20.78 -13.06
CA ILE A 46 47.81 19.65 -13.16
C ILE A 46 47.30 18.47 -12.34
N CYS A 47 46.00 18.42 -12.07
CA CYS A 47 45.43 17.33 -11.28
C CYS A 47 45.36 16.02 -12.05
N VAL A 48 45.40 16.07 -13.38
CA VAL A 48 45.28 14.85 -14.20
C VAL A 48 46.53 13.99 -14.07
N PRO A 49 47.75 14.50 -14.33
CA PRO A 49 48.92 13.63 -14.18
C PRO A 49 49.23 13.28 -12.73
N CYS A 50 48.86 14.15 -11.78
CA CYS A 50 49.00 13.80 -10.37
C CYS A 50 48.10 12.63 -10.01
N GLY A 51 46.82 12.72 -10.37
CA GLY A 51 45.89 11.64 -10.07
C GLY A 51 46.27 10.34 -10.77
N LEU A 52 46.69 10.45 -12.04
CA LEU A 52 47.17 9.26 -12.75
C LEU A 52 48.42 8.69 -12.09
N ARG A 53 49.26 9.54 -11.51
CA ARG A 53 50.46 9.07 -10.84
C ARG A 53 50.13 8.36 -9.54
N LEU A 54 49.13 8.86 -8.80
CA LEU A 54 48.80 8.29 -7.51
C LEU A 54 48.14 6.92 -7.62
N ALA A 55 47.56 6.59 -8.77
CA ALA A 55 46.80 5.36 -8.95
C ALA A 55 47.68 4.17 -9.34
N GLU A 56 49.01 4.30 -9.25
CA GLU A 56 49.88 3.19 -9.58
C GLU A 56 49.70 2.06 -8.59
N LYS A 57 49.82 0.82 -9.09
CA LYS A 57 49.60 -0.36 -8.26
C LYS A 57 50.57 -0.42 -7.10
N THR A 58 51.77 0.13 -7.26
CA THR A 58 52.77 0.10 -6.19
C THR A 58 52.33 0.95 -5.00
N GLN A 59 51.58 2.01 -5.24
CA GLN A 59 51.12 2.87 -4.15
C GLN A 59 50.09 2.15 -3.29
N VAL A 60 49.86 2.71 -2.11
CA VAL A 60 48.81 2.19 -1.23
C VAL A 60 47.46 2.38 -1.91
N ALA A 61 46.58 1.39 -1.74
CA ALA A 61 45.27 1.44 -2.39
C ALA A 61 44.51 2.71 -2.04
N ILE A 62 44.57 3.13 -0.77
CA ILE A 62 43.87 4.34 -0.33
C ILE A 62 44.25 5.52 -1.23
N VAL A 63 45.56 5.80 -1.32
CA VAL A 63 46.04 6.85 -2.21
C VAL A 63 45.52 6.63 -3.63
N ARG A 64 45.59 5.37 -4.09
CA ARG A 64 45.04 5.04 -5.40
C ARG A 64 43.55 5.39 -5.46
N HIS A 65 42.79 4.95 -4.45
CA HIS A 65 41.38 5.31 -4.38
C HIS A 65 41.19 6.81 -4.42
N PHE A 66 42.14 7.56 -3.88
CA PHE A 66 42.12 9.01 -4.01
C PHE A 66 42.42 9.42 -5.45
N GLY A 67 43.53 8.94 -6.00
CA GLY A 67 43.99 9.32 -7.32
C GLY A 67 42.96 9.23 -8.41
N LEU A 68 42.48 8.00 -8.68
CA LEU A 68 41.41 7.83 -9.65
C LEU A 68 40.22 8.70 -9.33
N GLN A 69 39.88 8.83 -8.05
CA GLN A 69 38.81 9.73 -7.64
C GLN A 69 39.06 11.13 -8.20
N ILE A 70 40.25 11.68 -7.94
CA ILE A 70 40.66 12.94 -8.55
C ILE A 70 40.42 12.88 -10.06
N LEU A 71 40.96 11.85 -10.71
CA LEU A 71 40.78 11.68 -12.14
C LEU A 71 39.29 11.70 -12.51
N GLU A 72 38.49 10.94 -11.76
CA GLU A 72 37.04 10.97 -11.95
C GLU A 72 36.54 12.40 -11.99
N HIS A 73 36.86 13.17 -10.93
CA HIS A 73 36.43 14.55 -10.82
C HIS A 73 36.65 15.29 -12.13
N VAL A 74 37.82 15.10 -12.74
CA VAL A 74 38.15 15.80 -13.99
C VAL A 74 37.05 15.56 -15.02
N VAL A 75 36.85 14.29 -15.40
CA VAL A 75 35.91 13.95 -16.45
C VAL A 75 34.49 14.34 -16.10
N LYS A 76 34.24 14.73 -14.84
CA LYS A 76 32.93 15.24 -14.48
C LYS A 76 32.78 16.70 -14.91
N PHE A 77 33.71 17.57 -14.49
CA PHE A 77 33.56 18.99 -14.72
C PHE A 77 34.67 19.57 -15.57
N ARG A 78 35.93 19.41 -15.15
CA ARG A 78 37.07 19.98 -15.84
C ARG A 78 37.16 19.55 -17.30
N TRP A 79 36.39 18.52 -17.68
CA TRP A 79 36.34 18.10 -19.08
C TRP A 79 35.95 19.26 -19.99
N ASN A 80 35.05 20.13 -19.53
CA ASN A 80 34.57 21.21 -20.38
C ASN A 80 35.72 22.11 -20.83
N GLY A 81 36.63 22.44 -19.93
CA GLY A 81 37.83 23.15 -20.29
C GLY A 81 39.02 22.24 -20.56
N MET A 82 38.94 21.48 -21.65
CA MET A 82 40.02 20.56 -22.00
C MET A 82 40.22 20.55 -23.52
N SER A 83 41.42 20.15 -23.93
CA SER A 83 41.77 20.01 -25.33
C SER A 83 41.58 18.57 -25.79
N ARG A 84 41.62 18.38 -27.11
CA ARG A 84 41.40 17.05 -27.67
C ARG A 84 42.53 16.09 -27.30
N LEU A 85 43.77 16.54 -27.40
CA LEU A 85 44.90 15.65 -27.11
C LEU A 85 44.92 15.22 -25.65
N GLU A 86 44.52 16.10 -24.74
CA GLU A 86 44.38 15.71 -23.34
C GLU A 86 43.29 14.66 -23.16
N LYS A 87 42.19 14.80 -23.92
CA LYS A 87 41.11 13.83 -23.85
C LYS A 87 41.57 12.45 -24.31
N VAL A 88 42.14 12.38 -25.51
CA VAL A 88 42.57 11.08 -26.04
C VAL A 88 43.71 10.50 -25.21
N TYR A 89 44.57 11.35 -24.65
CA TYR A 89 45.59 10.87 -23.72
C TYR A 89 44.97 10.30 -22.47
N LEU A 90 43.85 10.87 -22.01
CA LEU A 90 43.18 10.35 -20.84
C LEU A 90 42.51 9.01 -21.13
N LYS A 91 41.84 8.89 -22.28
CA LYS A 91 41.25 7.61 -22.66
C LYS A 91 42.31 6.53 -22.79
N ASN A 92 43.37 6.82 -23.56
CA ASN A 92 44.43 5.83 -23.75
C ASN A 92 45.08 5.45 -22.44
N SER A 93 45.32 6.42 -21.56
CA SER A 93 45.96 6.12 -20.28
C SER A 93 45.05 5.29 -19.39
N VAL A 94 43.77 5.61 -19.35
CA VAL A 94 42.84 4.85 -18.51
C VAL A 94 42.69 3.42 -19.03
N MET A 95 42.61 3.26 -20.35
CA MET A 95 42.57 1.91 -20.92
C MET A 95 43.86 1.16 -20.64
N GLU A 96 45.00 1.86 -20.64
CA GLU A 96 46.25 1.24 -20.19
C GLU A 96 46.17 0.81 -18.73
N LEU A 97 45.42 1.56 -17.91
CA LEU A 97 45.21 1.14 -16.53
C LEU A 97 44.36 -0.12 -16.47
N ILE A 98 43.33 -0.21 -17.30
CA ILE A 98 42.49 -1.41 -17.32
C ILE A 98 43.30 -2.62 -17.76
N ALA A 99 44.17 -2.44 -18.76
CA ALA A 99 44.95 -3.55 -19.27
C ALA A 99 46.09 -3.92 -18.34
N ASN A 100 46.78 -2.94 -17.78
CA ASN A 100 47.98 -3.21 -17.01
C ASN A 100 47.96 -2.63 -15.60
N GLY A 101 47.38 -1.44 -15.42
CA GLY A 101 47.45 -0.76 -14.13
C GLY A 101 46.37 -1.17 -13.15
N THR A 102 46.26 -2.48 -12.89
CA THR A 102 45.30 -3.00 -11.93
C THR A 102 45.95 -4.12 -11.13
N LEU A 103 45.61 -4.20 -9.84
CA LEU A 103 46.12 -5.25 -8.99
C LEU A 103 45.59 -6.61 -9.43
N ASN A 104 46.06 -7.66 -8.76
CA ASN A 104 45.61 -9.01 -9.06
C ASN A 104 44.12 -9.14 -8.76
N ILE A 105 43.39 -9.77 -9.68
CA ILE A 105 41.93 -9.84 -9.58
C ILE A 105 41.49 -10.47 -8.26
N LEU A 106 42.29 -11.39 -7.72
CA LEU A 106 41.90 -12.07 -6.49
C LEU A 106 42.03 -11.16 -5.28
N GLU A 107 43.08 -10.33 -5.24
CA GLU A 107 43.36 -9.51 -4.07
C GLU A 107 43.16 -8.02 -4.31
N GLU A 108 42.68 -7.61 -5.48
CA GLU A 108 42.42 -6.19 -5.72
C GLU A 108 41.17 -5.75 -4.98
N GLU A 109 41.24 -4.57 -4.37
CA GLU A 109 40.09 -4.03 -3.65
C GLU A 109 38.95 -3.75 -4.62
N ASN A 110 37.73 -4.07 -4.18
CA ASN A 110 36.56 -3.90 -5.04
C ASN A 110 36.22 -2.43 -5.27
N HIS A 111 36.43 -1.59 -4.25
CA HIS A 111 36.09 -0.18 -4.41
C HIS A 111 37.03 0.53 -5.38
N ILE A 112 38.27 0.05 -5.50
CA ILE A 112 39.16 0.56 -6.54
C ILE A 112 38.58 0.29 -7.92
N LYS A 113 38.15 -0.95 -8.15
CA LYS A 113 37.48 -1.30 -9.40
C LYS A 113 36.23 -0.47 -9.60
N ASP A 114 35.54 -0.11 -8.51
CA ASP A 114 34.32 0.67 -8.62
C ASP A 114 34.62 2.10 -9.04
N ALA A 115 35.69 2.69 -8.50
CA ALA A 115 36.06 4.05 -8.88
C ALA A 115 36.59 4.10 -10.32
N LEU A 116 37.43 3.12 -10.69
CA LEU A 116 37.88 3.04 -12.07
C LEU A 116 36.70 2.88 -13.01
N SER A 117 35.73 2.04 -12.63
CA SER A 117 34.52 1.88 -13.43
C SER A 117 33.73 3.19 -13.52
N ARG A 118 33.73 3.97 -12.43
CA ARG A 118 33.12 5.29 -12.49
C ARG A 118 33.81 6.17 -13.53
N ILE A 119 35.15 6.12 -13.57
CA ILE A 119 35.88 6.91 -14.56
C ILE A 119 35.51 6.49 -15.98
N VAL A 120 35.63 5.19 -16.27
CA VAL A 120 35.37 4.72 -17.63
C VAL A 120 33.93 5.00 -18.03
N VAL A 121 32.99 4.78 -17.12
CA VAL A 121 31.58 4.99 -17.42
C VAL A 121 31.30 6.47 -17.66
N GLU A 122 31.96 7.36 -16.90
CA GLU A 122 31.79 8.78 -17.15
C GLU A 122 32.35 9.19 -18.49
N MET A 123 33.52 8.66 -18.87
CA MET A 123 34.05 8.93 -20.20
C MET A 123 33.13 8.39 -21.29
N ILE A 124 32.43 7.29 -21.02
CA ILE A 124 31.45 6.78 -21.97
C ILE A 124 30.27 7.74 -22.08
N LYS A 125 29.75 8.19 -20.95
CA LYS A 125 28.68 9.17 -20.95
C LYS A 125 29.07 10.40 -21.76
N ARG A 126 30.33 10.81 -21.66
CA ARG A 126 30.75 12.07 -22.25
C ARG A 126 30.75 12.02 -23.78
N GLU A 127 31.32 10.96 -24.36
CA GLU A 127 31.59 10.98 -25.80
C GLU A 127 31.34 9.67 -26.53
N TRP A 128 30.75 8.66 -25.90
CA TRP A 128 30.54 7.40 -26.60
C TRP A 128 29.58 7.48 -27.80
N PRO A 129 28.50 8.28 -27.75
CA PRO A 129 27.58 8.30 -28.91
C PRO A 129 28.24 8.60 -30.24
N GLN A 130 29.25 9.47 -30.28
CA GLN A 130 29.86 9.79 -31.56
C GLN A 130 31.37 9.65 -31.57
N HIS A 131 32.07 9.99 -30.48
CA HIS A 131 33.52 10.00 -30.49
C HIS A 131 34.14 8.62 -30.29
N TRP A 132 33.36 7.63 -29.85
CA TRP A 132 33.85 6.26 -29.74
C TRP A 132 33.27 5.42 -30.87
N PRO A 133 33.99 5.29 -31.99
CA PRO A 133 33.45 4.50 -33.11
C PRO A 133 33.57 2.99 -32.88
N ASP A 134 34.58 2.59 -32.11
CA ASP A 134 34.88 1.18 -31.87
C ASP A 134 35.11 0.91 -30.40
N MET A 135 34.26 1.46 -29.54
CA MET A 135 34.41 1.21 -28.11
C MET A 135 34.04 -0.22 -27.74
N LEU A 136 32.98 -0.76 -28.34
CA LEU A 136 32.57 -2.13 -28.06
C LEU A 136 33.66 -3.12 -28.45
N ILE A 137 34.22 -2.96 -29.66
CA ILE A 137 35.27 -3.85 -30.13
C ILE A 137 36.50 -3.73 -29.23
N GLU A 138 36.80 -2.52 -28.76
CA GLU A 138 37.95 -2.32 -27.89
C GLU A 138 37.75 -3.00 -26.55
N LEU A 139 36.57 -2.85 -25.95
CA LEU A 139 36.27 -3.52 -24.69
C LEU A 139 36.33 -5.03 -24.85
N ASP A 140 35.87 -5.53 -26.00
CA ASP A 140 35.94 -6.97 -26.26
C ASP A 140 37.38 -7.44 -26.35
N THR A 141 38.21 -6.75 -27.13
CA THR A 141 39.60 -7.15 -27.31
C THR A 141 40.37 -7.10 -26.00
N LEU A 142 40.22 -6.00 -25.24
CA LEU A 142 40.91 -5.91 -23.97
C LEU A 142 40.37 -6.92 -22.97
N SER A 143 39.09 -7.28 -23.08
CA SER A 143 38.54 -8.30 -22.19
C SER A 143 39.14 -9.66 -22.49
N LYS A 144 39.33 -10.00 -23.77
CA LYS A 144 39.90 -11.29 -24.13
C LYS A 144 41.30 -11.49 -23.57
N GLN A 145 42.00 -10.42 -23.21
CA GLN A 145 43.39 -10.54 -22.79
C GLN A 145 43.53 -11.17 -21.40
N GLY A 146 42.58 -10.91 -20.51
CA GLY A 146 42.70 -11.44 -19.16
C GLY A 146 41.36 -11.51 -18.46
N GLU A 147 41.38 -12.12 -17.28
CA GLU A 147 40.17 -12.28 -16.49
C GLU A 147 39.82 -11.01 -15.72
N THR A 148 40.83 -10.35 -15.15
CA THR A 148 40.60 -9.06 -14.49
C THR A 148 39.96 -8.07 -15.45
N GLN A 149 40.42 -8.07 -16.71
CA GLN A 149 39.85 -7.16 -17.70
C GLN A 149 38.39 -7.48 -17.98
N THR A 150 38.05 -8.78 -18.05
CA THR A 150 36.65 -9.16 -18.25
C THR A 150 35.80 -8.70 -17.08
N GLU A 151 36.27 -8.90 -15.84
CA GLU A 151 35.52 -8.46 -14.68
C GLU A 151 35.30 -6.95 -14.71
N LEU A 152 36.37 -6.19 -14.95
CA LEU A 152 36.24 -4.74 -15.02
C LEU A 152 35.27 -4.32 -16.11
N VAL A 153 35.29 -5.04 -17.25
CA VAL A 153 34.35 -4.73 -18.33
C VAL A 153 32.92 -4.98 -17.86
N MET A 154 32.70 -6.05 -17.08
CA MET A 154 31.37 -6.30 -16.54
C MET A 154 30.94 -5.16 -15.61
N PHE A 155 31.86 -4.67 -14.77
CA PHE A 155 31.56 -3.52 -13.92
C PHE A 155 31.19 -2.30 -14.76
N ILE A 156 31.95 -2.03 -15.82
CA ILE A 156 31.72 -0.85 -16.63
C ILE A 156 30.38 -0.93 -17.35
N LEU A 157 30.05 -2.10 -17.91
CA LEU A 157 28.77 -2.25 -18.61
C LEU A 157 27.59 -2.17 -17.63
N LEU A 158 27.73 -2.81 -16.46
CA LEU A 158 26.65 -2.75 -15.47
C LEU A 158 26.41 -1.31 -15.01
N ARG A 159 27.47 -0.62 -14.58
CA ARG A 159 27.32 0.74 -14.10
C ARG A 159 26.81 1.67 -15.21
N LEU A 160 27.30 1.47 -16.43
CA LEU A 160 26.82 2.26 -17.57
C LEU A 160 25.33 2.09 -17.76
N ALA A 161 24.86 0.85 -17.86
CA ALA A 161 23.43 0.60 -18.02
C ALA A 161 22.64 1.16 -16.85
N GLU A 162 23.20 1.11 -15.65
CA GLU A 162 22.52 1.67 -14.48
C GLU A 162 22.33 3.17 -14.62
N ASP A 163 23.38 3.88 -15.04
CA ASP A 163 23.31 5.33 -15.10
C ASP A 163 22.51 5.83 -16.30
N VAL A 164 22.54 5.13 -17.43
CA VAL A 164 21.84 5.64 -18.61
C VAL A 164 20.35 5.32 -18.56
N VAL A 165 19.96 4.24 -17.90
CA VAL A 165 18.57 3.79 -17.88
C VAL A 165 17.82 4.29 -16.66
N THR A 166 18.47 4.28 -15.49
CA THR A 166 17.78 4.55 -14.24
C THR A 166 18.17 5.89 -13.62
N PHE A 167 19.47 6.12 -13.39
CA PHE A 167 19.87 7.29 -12.62
C PHE A 167 19.95 8.56 -13.45
N GLN A 168 20.22 8.43 -14.76
CA GLN A 168 20.24 9.56 -15.68
C GLN A 168 21.19 10.66 -15.22
N THR A 169 22.35 10.26 -14.68
CA THR A 169 23.39 11.19 -14.29
C THR A 169 24.22 11.54 -15.53
N LEU A 170 23.56 12.23 -16.47
CA LEU A 170 24.08 12.45 -17.81
C LEU A 170 23.21 13.47 -18.53
N PRO A 171 23.77 14.33 -19.37
CA PRO A 171 22.95 15.22 -20.19
C PRO A 171 21.86 14.46 -20.92
N PRO A 172 20.67 15.06 -21.06
CA PRO A 172 19.53 14.30 -21.59
C PRO A 172 19.66 13.93 -23.05
N GLN A 173 20.10 14.86 -23.89
CA GLN A 173 20.32 14.54 -25.30
C GLN A 173 21.36 13.45 -25.45
N ARG A 174 22.44 13.53 -24.68
CA ARG A 174 23.41 12.45 -24.65
C ARG A 174 22.80 11.16 -24.11
N ARG A 175 21.81 11.27 -23.23
CA ARG A 175 21.16 10.07 -22.73
C ARG A 175 20.35 9.38 -23.82
N ARG A 176 19.65 10.17 -24.65
CA ARG A 176 18.91 9.58 -25.75
C ARG A 176 19.86 9.02 -26.81
N ASP A 177 20.98 9.72 -27.06
CA ASP A 177 21.96 9.22 -28.01
C ASP A 177 22.56 7.89 -27.55
N ILE A 178 22.98 7.83 -26.28
CA ILE A 178 23.56 6.61 -25.75
C ILE A 178 22.53 5.49 -25.70
N GLN A 179 21.29 5.82 -25.34
CA GLN A 179 20.26 4.78 -25.27
C GLN A 179 19.93 4.23 -26.65
N GLN A 180 19.90 5.09 -27.67
CA GLN A 180 19.67 4.61 -29.03
C GLN A 180 20.85 3.79 -29.54
N THR A 181 22.06 4.21 -29.22
CA THR A 181 23.24 3.44 -29.63
C THR A 181 23.26 2.08 -28.95
N LEU A 182 22.81 2.02 -27.69
CA LEU A 182 22.67 0.73 -27.01
C LEU A 182 21.62 -0.14 -27.68
N THR A 183 20.46 0.44 -27.98
CA THR A 183 19.38 -0.33 -28.58
C THR A 183 19.78 -0.85 -29.96
N GLN A 184 20.56 -0.07 -30.71
CA GLN A 184 20.99 -0.49 -32.04
C GLN A 184 21.98 -1.65 -31.95
N ASN A 185 22.97 -1.55 -31.07
CA ASN A 185 23.98 -2.58 -30.90
C ASN A 185 23.67 -3.54 -29.75
N MET A 186 22.40 -3.63 -29.34
CA MET A 186 22.06 -4.45 -28.18
C MET A 186 22.27 -5.93 -28.47
N GLU A 187 22.08 -6.36 -29.71
CA GLU A 187 22.33 -7.76 -30.05
C GLU A 187 23.80 -8.12 -29.86
N ARG A 188 24.70 -7.22 -30.26
CA ARG A 188 26.12 -7.47 -30.07
C ARG A 188 26.51 -7.39 -28.60
N ILE A 189 25.91 -6.48 -27.85
CA ILE A 189 26.22 -6.34 -26.43
C ILE A 189 25.78 -7.59 -25.67
N PHE A 190 24.51 -7.97 -25.82
CA PHE A 190 24.00 -9.15 -25.13
C PHE A 190 24.71 -10.41 -25.60
N SER A 191 25.02 -10.49 -26.89
CA SER A 191 25.79 -11.63 -27.40
C SER A 191 27.16 -11.70 -26.74
N PHE A 192 27.81 -10.54 -26.56
CA PHE A 192 29.11 -10.52 -25.91
C PHE A 192 29.01 -10.96 -24.45
N LEU A 193 28.00 -10.45 -23.73
CA LEU A 193 27.81 -10.83 -22.33
C LEU A 193 27.57 -12.33 -22.21
N LEU A 194 26.70 -12.88 -23.07
CA LEU A 194 26.37 -14.30 -22.97
C LEU A 194 27.55 -15.18 -23.36
N ASN A 195 28.28 -14.81 -24.42
CA ASN A 195 29.43 -15.60 -24.84
C ASN A 195 30.55 -15.55 -23.79
N THR A 196 30.76 -14.39 -23.18
CA THR A 196 31.79 -14.30 -22.14
C THR A 196 31.39 -15.09 -20.90
N LEU A 197 30.13 -14.98 -20.49
CA LEU A 197 29.65 -15.75 -19.34
C LEU A 197 29.81 -17.25 -19.60
N GLN A 198 29.39 -17.71 -20.77
CA GLN A 198 29.49 -19.13 -21.09
C GLN A 198 30.95 -19.58 -21.18
N GLU A 199 31.83 -18.71 -21.68
CA GLU A 199 33.24 -19.08 -21.82
C GLU A 199 33.90 -19.21 -20.44
N ASN A 200 33.82 -18.16 -19.63
CA ASN A 200 34.41 -18.20 -18.29
C ASN A 200 33.78 -19.31 -17.45
N VAL A 201 32.47 -19.54 -17.63
CA VAL A 201 31.81 -20.61 -16.89
C VAL A 201 32.33 -21.98 -17.33
N ASN A 202 32.53 -22.17 -18.63
CA ASN A 202 33.06 -23.45 -19.10
C ASN A 202 34.48 -23.67 -18.61
N LYS A 203 35.31 -22.61 -18.60
CA LYS A 203 36.65 -22.74 -18.05
C LYS A 203 36.60 -23.08 -16.56
N TYR A 204 35.68 -22.47 -15.83
CA TYR A 204 35.47 -22.86 -14.43
C TYR A 204 35.10 -24.34 -14.33
N GLN A 205 34.26 -24.82 -15.24
CA GLN A 205 33.86 -26.23 -15.23
C GLN A 205 35.05 -27.14 -15.46
N GLN A 206 35.94 -26.77 -16.39
CA GLN A 206 37.12 -27.59 -16.63
C GLN A 206 38.15 -27.48 -15.52
N VAL A 207 38.13 -26.40 -14.73
CA VAL A 207 39.06 -26.23 -13.63
C VAL A 207 38.28 -26.19 -12.31
N LYS A 208 37.18 -26.95 -12.24
CA LYS A 208 36.39 -26.98 -11.02
C LYS A 208 37.18 -27.55 -9.85
N THR A 209 38.01 -28.56 -10.10
CA THR A 209 38.78 -29.22 -9.04
C THR A 209 40.22 -29.35 -9.48
N ASP A 210 41.14 -28.84 -8.67
CA ASP A 210 42.57 -29.03 -8.89
C ASP A 210 43.26 -29.11 -7.54
N THR A 211 44.46 -29.70 -7.55
CA THR A 211 45.18 -29.93 -6.29
C THR A 211 45.63 -28.61 -5.67
N SER A 212 46.27 -27.74 -6.46
CA SER A 212 46.81 -26.49 -5.93
C SER A 212 46.57 -25.34 -6.89
N GLN A 213 45.45 -25.35 -7.61
CA GLN A 213 45.18 -24.28 -8.56
C GLN A 213 43.80 -23.67 -8.30
N GLU A 214 43.51 -23.37 -7.02
CA GLU A 214 42.25 -22.75 -6.66
C GLU A 214 42.15 -21.29 -7.06
N SER A 215 43.28 -20.66 -7.42
CA SER A 215 43.24 -19.26 -7.83
C SER A 215 42.42 -19.07 -9.09
N LYS A 216 42.56 -19.97 -10.07
CA LYS A 216 41.73 -19.89 -11.26
C LYS A 216 40.28 -20.24 -10.96
N ALA A 217 40.04 -21.11 -9.97
CA ALA A 217 38.68 -21.44 -9.60
C ALA A 217 37.95 -20.23 -9.03
N GLN A 218 38.53 -19.59 -8.01
CA GLN A 218 37.90 -18.42 -7.42
C GLN A 218 37.89 -17.25 -8.40
N ALA A 219 38.91 -17.14 -9.26
CA ALA A 219 38.97 -16.04 -10.21
C ALA A 219 37.87 -16.16 -11.27
N ASN A 220 37.85 -17.28 -12.00
CA ASN A 220 36.81 -17.48 -13.00
C ASN A 220 35.42 -17.50 -12.35
N CYS A 221 35.32 -17.99 -11.12
CA CYS A 221 34.05 -17.94 -10.41
C CYS A 221 33.59 -16.50 -10.21
N ARG A 222 34.48 -15.65 -9.70
CA ARG A 222 34.11 -14.24 -9.47
C ARG A 222 33.79 -13.54 -10.78
N VAL A 223 34.53 -13.87 -11.84
CA VAL A 223 34.20 -13.33 -13.17
C VAL A 223 32.80 -13.74 -13.58
N GLY A 224 32.44 -15.00 -13.36
CA GLY A 224 31.09 -15.45 -13.65
C GLY A 224 30.05 -14.71 -12.81
N VAL A 225 30.38 -14.37 -11.57
CA VAL A 225 29.46 -13.61 -10.72
C VAL A 225 29.23 -12.22 -11.31
N ALA A 226 30.32 -11.53 -11.66
CA ALA A 226 30.19 -10.19 -12.25
C ALA A 226 29.41 -10.23 -13.55
N ALA A 227 29.67 -11.22 -14.40
CA ALA A 227 28.93 -11.35 -15.65
C ALA A 227 27.46 -11.62 -15.40
N LEU A 228 27.14 -12.43 -14.39
CA LEU A 228 25.75 -12.69 -14.04
C LEU A 228 25.06 -11.42 -13.53
N ASN A 229 25.77 -10.61 -12.75
CA ASN A 229 25.17 -9.39 -12.23
C ASN A 229 24.96 -8.36 -13.33
N THR A 230 25.87 -8.30 -14.31
CA THR A 230 25.68 -7.41 -15.46
C THR A 230 24.49 -7.89 -16.30
N LEU A 231 24.44 -9.19 -16.58
CA LEU A 231 23.29 -9.75 -17.30
C LEU A 231 21.99 -9.44 -16.58
N ALA A 232 21.97 -9.56 -15.26
CA ALA A 232 20.79 -9.14 -14.50
C ALA A 232 20.55 -7.64 -14.64
N GLY A 233 21.62 -6.87 -14.86
CA GLY A 233 21.47 -5.44 -15.05
C GLY A 233 20.83 -5.08 -16.39
N TYR A 234 20.99 -5.94 -17.40
CA TYR A 234 20.42 -5.65 -18.71
C TYR A 234 19.08 -6.34 -18.95
N ILE A 235 18.89 -7.57 -18.45
CA ILE A 235 17.67 -8.32 -18.70
C ILE A 235 16.43 -7.54 -18.22
N ASP A 236 16.59 -6.71 -17.18
CA ASP A 236 15.45 -6.00 -16.61
C ASP A 236 14.83 -5.01 -17.60
N TRP A 237 15.63 -4.42 -18.49
CA TRP A 237 15.14 -3.32 -19.30
C TRP A 237 15.27 -3.52 -20.81
N VAL A 238 16.16 -4.40 -21.28
CA VAL A 238 16.36 -4.57 -22.72
C VAL A 238 15.13 -5.23 -23.35
N SER A 239 15.06 -5.18 -24.67
CA SER A 239 13.93 -5.77 -25.39
C SER A 239 13.94 -7.29 -25.24
N MET A 240 12.74 -7.87 -25.26
CA MET A 240 12.60 -9.31 -25.06
C MET A 240 13.19 -10.13 -26.20
N SER A 241 13.35 -9.53 -27.38
CA SER A 241 13.86 -10.27 -28.52
C SER A 241 15.28 -10.78 -28.29
N HIS A 242 16.08 -10.05 -27.51
CA HIS A 242 17.44 -10.49 -27.24
C HIS A 242 17.46 -11.64 -26.23
N ILE A 243 16.46 -11.73 -25.36
CA ILE A 243 16.40 -12.84 -24.42
C ILE A 243 16.14 -14.15 -25.15
N THR A 244 15.24 -14.12 -26.14
CA THR A 244 14.85 -15.29 -26.90
C THR A 244 15.47 -15.29 -28.31
N ALA A 245 16.66 -14.70 -28.45
CA ALA A 245 17.26 -14.58 -29.78
C ALA A 245 17.77 -15.92 -30.28
N GLU A 246 18.70 -16.53 -29.56
CA GLU A 246 19.31 -17.79 -30.00
C GLU A 246 18.51 -18.99 -29.48
N ASN A 247 17.22 -18.98 -29.80
CA ASN A 247 16.28 -20.02 -29.36
C ASN A 247 16.29 -20.17 -27.84
N CYS A 248 16.28 -19.03 -27.14
CA CYS A 248 16.24 -19.00 -25.68
C CYS A 248 17.40 -19.77 -25.05
N LYS A 249 18.57 -19.73 -25.69
CA LYS A 249 19.72 -20.45 -25.15
C LYS A 249 20.20 -19.83 -23.84
N LEU A 250 19.95 -18.53 -23.65
CA LEU A 250 20.24 -17.90 -22.36
C LEU A 250 19.54 -18.61 -21.22
N LEU A 251 18.26 -18.96 -21.41
CA LEU A 251 17.51 -19.65 -20.37
C LEU A 251 18.13 -21.00 -20.04
N GLU A 252 18.56 -21.73 -21.06
CA GLU A 252 19.15 -23.05 -20.82
C GLU A 252 20.52 -22.94 -20.15
N ILE A 253 21.28 -21.88 -20.48
CA ILE A 253 22.55 -21.66 -19.80
C ILE A 253 22.30 -21.36 -18.32
N LEU A 254 21.36 -20.44 -18.04
CA LEU A 254 21.05 -20.11 -16.66
C LEU A 254 20.55 -21.32 -15.89
N CYS A 255 19.73 -22.16 -16.52
CA CYS A 255 19.27 -23.38 -15.88
C CYS A 255 20.42 -24.34 -15.63
N LEU A 256 21.38 -24.40 -16.56
CA LEU A 256 22.56 -25.22 -16.34
C LEU A 256 23.42 -24.68 -15.20
N LEU A 257 23.33 -23.38 -14.92
CA LEU A 257 24.08 -22.79 -13.82
C LEU A 257 23.41 -23.00 -12.46
N LEU A 258 22.17 -23.49 -12.44
CA LEU A 258 21.47 -23.66 -11.16
C LEU A 258 22.07 -24.78 -10.31
N ASN A 259 22.74 -25.75 -10.92
CA ASN A 259 23.36 -26.83 -10.17
C ASN A 259 24.67 -26.42 -9.50
N GLU A 260 25.27 -25.32 -9.95
CA GLU A 260 26.52 -24.83 -9.37
C GLU A 260 26.19 -23.92 -8.19
N GLN A 261 26.59 -24.34 -6.99
CA GLN A 261 26.22 -23.62 -5.79
C GLN A 261 26.86 -22.23 -5.73
N GLU A 262 28.06 -22.08 -6.28
CA GLU A 262 28.74 -20.79 -6.20
C GLU A 262 28.17 -19.76 -7.18
N LEU A 263 27.36 -20.19 -8.15
CA LEU A 263 26.78 -19.28 -9.13
C LEU A 263 25.27 -19.44 -9.25
N GLN A 264 24.63 -20.20 -8.36
CA GLN A 264 23.21 -20.50 -8.52
C GLN A 264 22.34 -19.27 -8.29
N LEU A 265 22.70 -18.44 -7.32
CA LEU A 265 21.85 -17.30 -6.97
C LEU A 265 21.79 -16.29 -8.12
N GLY A 266 22.92 -16.02 -8.77
CA GLY A 266 22.91 -15.09 -9.88
C GLY A 266 22.08 -15.57 -11.05
N ALA A 267 22.23 -16.85 -11.41
CA ALA A 267 21.42 -17.41 -12.50
C ALA A 267 19.94 -17.40 -12.14
N ALA A 268 19.61 -17.72 -10.89
CA ALA A 268 18.21 -17.70 -10.47
C ALA A 268 17.64 -16.29 -10.52
N GLU A 269 18.45 -15.28 -10.17
CA GLU A 269 17.97 -13.91 -10.22
C GLU A 269 17.79 -13.43 -11.67
N CYS A 270 18.72 -13.81 -12.56
CA CYS A 270 18.56 -13.47 -13.97
C CYS A 270 17.32 -14.12 -14.56
N LEU A 271 17.13 -15.41 -14.28
CA LEU A 271 15.94 -16.11 -14.77
C LEU A 271 14.66 -15.49 -14.21
N LEU A 272 14.67 -15.15 -12.93
CA LEU A 272 13.48 -14.55 -12.32
C LEU A 272 13.18 -13.19 -12.95
N ILE A 273 14.20 -12.36 -13.14
CA ILE A 273 14.00 -11.08 -13.81
C ILE A 273 13.45 -11.30 -15.22
N ALA A 274 13.94 -12.34 -15.91
CA ALA A 274 13.48 -12.61 -17.26
C ALA A 274 11.99 -12.97 -17.27
N VAL A 275 11.58 -13.90 -16.42
CA VAL A 275 10.19 -14.37 -16.43
C VAL A 275 9.22 -13.41 -15.75
N SER A 276 9.73 -12.40 -15.05
CA SER A 276 8.88 -11.43 -14.37
C SER A 276 8.57 -10.20 -15.22
N ARG A 277 8.84 -10.26 -16.52
CA ARG A 277 8.64 -9.13 -17.42
C ARG A 277 7.20 -9.11 -17.90
N LYS A 278 6.47 -8.04 -17.55
CA LYS A 278 5.08 -7.87 -17.99
C LYS A 278 5.03 -7.08 -19.29
N GLY A 279 5.72 -7.61 -20.30
CA GLY A 279 5.87 -6.95 -21.58
C GLY A 279 4.84 -7.41 -22.60
N LYS A 280 5.22 -7.36 -23.87
CA LYS A 280 4.34 -7.77 -24.96
C LYS A 280 4.05 -9.26 -24.86
N LEU A 281 2.78 -9.63 -25.07
CA LEU A 281 2.35 -11.00 -24.82
C LEU A 281 2.98 -11.99 -25.79
N GLU A 282 3.09 -11.61 -27.07
CA GLU A 282 3.63 -12.54 -28.05
C GLU A 282 5.11 -12.78 -27.84
N ASP A 283 5.84 -11.79 -27.28
CA ASP A 283 7.25 -11.98 -26.99
C ASP A 283 7.49 -12.84 -25.76
N ARG A 284 6.46 -13.07 -24.96
CA ARG A 284 6.57 -13.88 -23.74
C ARG A 284 6.21 -15.34 -23.96
N LYS A 285 5.76 -15.70 -25.16
CA LYS A 285 5.43 -17.11 -25.43
C LYS A 285 6.60 -18.05 -25.16
N PRO A 286 7.79 -17.87 -25.74
CA PRO A 286 8.85 -18.88 -25.57
C PRO A 286 9.29 -19.09 -24.13
N LEU A 287 8.90 -18.21 -23.20
CA LEU A 287 9.17 -18.45 -21.79
C LEU A 287 8.58 -19.78 -21.33
N MET A 288 7.49 -20.22 -21.96
CA MET A 288 6.89 -21.52 -21.64
C MET A 288 7.86 -22.67 -21.85
N VAL A 289 8.98 -22.45 -22.53
CA VAL A 289 10.03 -23.47 -22.63
C VAL A 289 10.44 -23.96 -21.26
N LEU A 290 10.34 -23.09 -20.24
CA LEU A 290 10.73 -23.49 -18.89
C LEU A 290 9.83 -24.56 -18.29
N PHE A 291 8.68 -24.85 -18.90
CA PHE A 291 7.84 -25.94 -18.43
C PHE A 291 8.29 -27.31 -18.93
N GLY A 292 9.35 -27.37 -19.74
CA GLY A 292 9.81 -28.62 -20.31
C GLY A 292 10.47 -29.52 -19.28
N ASP A 293 10.85 -30.71 -19.75
CA ASP A 293 11.45 -31.70 -18.85
C ASP A 293 12.85 -31.28 -18.42
N VAL A 294 13.60 -30.61 -19.29
CA VAL A 294 14.98 -30.25 -18.99
C VAL A 294 15.03 -29.09 -18.01
N ALA A 295 14.36 -27.98 -18.37
CA ALA A 295 14.37 -26.80 -17.51
C ALA A 295 13.79 -27.12 -16.14
N MET A 296 12.63 -27.78 -16.10
CA MET A 296 12.05 -28.17 -14.82
C MET A 296 12.91 -29.21 -14.12
N HIS A 297 13.69 -29.99 -14.87
CA HIS A 297 14.61 -30.94 -14.24
C HIS A 297 15.68 -30.20 -13.45
N TYR A 298 16.35 -29.23 -14.06
CA TYR A 298 17.37 -28.48 -13.34
C TYR A 298 16.77 -27.63 -12.23
N ILE A 299 15.62 -27.00 -12.49
CA ILE A 299 14.99 -26.15 -11.49
C ILE A 299 14.58 -26.96 -10.27
N LEU A 300 13.96 -28.12 -10.48
CA LEU A 300 13.50 -28.93 -9.36
C LEU A 300 14.68 -29.58 -8.64
N SER A 301 15.67 -30.06 -9.39
CA SER A 301 16.84 -30.67 -8.77
C SER A 301 17.57 -29.67 -7.88
N ALA A 302 17.87 -28.49 -8.41
CA ALA A 302 18.54 -27.46 -7.60
C ALA A 302 17.64 -26.97 -6.48
N ALA A 303 16.32 -26.98 -6.68
CA ALA A 303 15.40 -26.49 -5.67
C ALA A 303 15.36 -27.41 -4.46
N GLN A 304 14.97 -28.68 -4.68
CA GLN A 304 14.94 -29.64 -3.58
C GLN A 304 16.34 -29.98 -3.09
N THR A 305 17.38 -29.65 -3.85
CA THR A 305 18.74 -29.74 -3.33
C THR A 305 19.03 -28.60 -2.36
N ALA A 306 18.55 -27.40 -2.67
CA ALA A 306 18.71 -26.28 -1.75
C ALA A 306 17.89 -26.47 -0.48
N ASP A 307 16.72 -27.10 -0.59
CA ASP A 307 15.93 -27.40 0.59
C ASP A 307 16.57 -28.49 1.45
N GLY A 308 17.33 -29.39 0.82
CA GLY A 308 18.06 -30.39 1.59
C GLY A 308 19.03 -29.78 2.58
N GLY A 309 19.70 -28.71 2.16
CA GLY A 309 20.53 -27.96 3.10
C GLY A 309 19.69 -27.29 4.16
N GLY A 310 20.28 -27.12 5.33
CA GLY A 310 19.57 -26.54 6.46
C GLY A 310 19.22 -25.08 6.22
N LEU A 311 18.80 -24.44 7.32
CA LEU A 311 18.43 -23.02 7.28
C LEU A 311 19.69 -22.17 7.29
N VAL A 312 20.44 -22.27 6.20
CA VAL A 312 21.62 -21.45 5.97
C VAL A 312 21.18 -20.19 5.24
N GLU A 313 21.92 -19.10 5.46
CA GLU A 313 21.57 -17.82 4.85
C GLU A 313 21.59 -17.88 3.32
N LYS A 314 22.24 -18.89 2.74
CA LYS A 314 22.35 -19.02 1.29
C LYS A 314 21.23 -19.86 0.69
N HIS A 315 21.09 -21.10 1.17
CA HIS A 315 20.12 -22.02 0.58
C HIS A 315 18.69 -21.54 0.73
N TYR A 316 18.38 -20.83 1.83
CA TYR A 316 17.04 -20.32 2.02
C TYR A 316 16.73 -19.21 1.01
N VAL A 317 17.68 -18.29 0.80
CA VAL A 317 17.48 -17.22 -0.16
C VAL A 317 17.34 -17.79 -1.57
N PHE A 318 18.20 -18.75 -1.92
CA PHE A 318 18.10 -19.38 -3.24
C PHE A 318 16.76 -20.10 -3.40
N LEU A 319 16.28 -20.75 -2.34
CA LEU A 319 14.99 -21.42 -2.39
C LEU A 319 13.86 -20.42 -2.59
N LYS A 320 13.91 -19.29 -1.89
CA LYS A 320 12.95 -18.22 -2.13
C LYS A 320 12.98 -17.79 -3.59
N ARG A 321 14.19 -17.60 -4.13
CA ARG A 321 14.33 -17.17 -5.52
C ARG A 321 13.66 -18.15 -6.48
N LEU A 322 13.94 -19.45 -6.31
CA LEU A 322 13.33 -20.43 -7.20
C LEU A 322 11.82 -20.49 -7.02
N CYS A 323 11.33 -20.33 -5.79
CA CYS A 323 9.89 -20.25 -5.58
C CYS A 323 9.28 -19.09 -6.35
N GLN A 324 9.94 -17.93 -6.31
CA GLN A 324 9.46 -16.78 -7.07
C GLN A 324 9.54 -17.03 -8.57
N VAL A 325 10.52 -17.83 -9.02
CA VAL A 325 10.61 -18.19 -10.43
C VAL A 325 9.40 -19.03 -10.84
N LEU A 326 9.05 -20.02 -10.03
CA LEU A 326 7.88 -20.84 -10.34
C LEU A 326 6.60 -20.02 -10.28
N CYS A 327 6.52 -19.08 -9.32
CA CYS A 327 5.34 -18.22 -9.22
C CYS A 327 5.19 -17.36 -10.47
N ALA A 328 6.24 -16.64 -10.85
CA ALA A 328 6.16 -15.78 -12.02
C ALA A 328 5.94 -16.58 -13.29
N LEU A 329 6.47 -17.80 -13.35
CA LEU A 329 6.22 -18.67 -14.50
C LEU A 329 4.74 -19.04 -14.59
N GLY A 330 4.15 -19.43 -13.46
CA GLY A 330 2.73 -19.72 -13.45
C GLY A 330 1.88 -18.52 -13.83
N ASN A 331 2.25 -17.33 -13.32
CA ASN A 331 1.55 -16.11 -13.72
C ASN A 331 1.69 -15.85 -15.21
N GLN A 332 2.85 -16.20 -15.80
CA GLN A 332 3.01 -16.09 -17.24
C GLN A 332 2.05 -17.01 -17.97
N LEU A 333 1.99 -18.28 -17.55
CA LEU A 333 1.07 -19.22 -18.19
C LEU A 333 -0.37 -18.75 -18.08
N CYS A 334 -0.76 -18.22 -16.91
CA CYS A 334 -2.11 -17.68 -16.76
C CYS A 334 -2.33 -16.47 -17.66
N ALA A 335 -1.29 -15.66 -17.87
CA ALA A 335 -1.42 -14.45 -18.67
C ALA A 335 -1.38 -14.72 -20.17
N LEU A 336 -0.94 -15.91 -20.59
CA LEU A 336 -0.84 -16.21 -22.01
C LEU A 336 -2.04 -16.96 -22.57
N LEU A 337 -2.60 -17.91 -21.82
CA LEU A 337 -3.71 -18.71 -22.33
C LEU A 337 -4.98 -17.86 -22.43
N GLY A 338 -5.74 -18.08 -23.51
CA GLY A 338 -6.97 -17.38 -23.76
C GLY A 338 -6.83 -16.22 -24.73
N ALA A 339 -5.66 -15.61 -24.83
CA ALA A 339 -5.44 -14.49 -25.73
C ALA A 339 -4.84 -14.90 -27.07
N ASP A 340 -4.03 -15.96 -27.09
CA ASP A 340 -3.40 -16.43 -28.31
C ASP A 340 -3.70 -17.91 -28.51
N SER A 341 -3.82 -18.30 -29.78
CA SER A 341 -4.10 -19.69 -30.10
C SER A 341 -2.84 -20.56 -30.02
N ASP A 342 -1.67 -19.97 -30.23
CA ASP A 342 -0.43 -20.74 -30.21
C ASP A 342 -0.04 -21.16 -28.80
N VAL A 343 -0.59 -20.52 -27.78
CA VAL A 343 -0.31 -20.88 -26.40
C VAL A 343 -1.22 -22.03 -25.99
N GLU A 344 -0.63 -23.12 -25.51
CA GLU A 344 -1.38 -24.29 -25.08
C GLU A 344 -0.95 -24.66 -23.66
N THR A 345 -1.71 -25.57 -23.06
CA THR A 345 -1.37 -26.06 -21.73
C THR A 345 -0.09 -26.87 -21.79
N PRO A 346 0.89 -26.61 -20.92
CA PRO A 346 2.16 -27.35 -20.98
C PRO A 346 1.96 -28.84 -20.78
N SER A 347 2.88 -29.62 -21.36
CA SER A 347 2.80 -31.07 -21.26
C SER A 347 3.12 -31.56 -19.85
N ASN A 348 3.94 -30.81 -19.11
CA ASN A 348 4.32 -31.17 -17.75
C ASN A 348 3.59 -30.32 -16.71
N PHE A 349 2.32 -30.01 -16.98
CA PHE A 349 1.52 -29.21 -16.05
C PHE A 349 1.35 -29.93 -14.72
N GLY A 350 1.21 -31.26 -14.76
CA GLY A 350 0.98 -32.01 -13.54
C GLY A 350 2.16 -31.94 -12.58
N LYS A 351 3.37 -32.15 -13.11
CA LYS A 351 4.56 -32.08 -12.27
C LYS A 351 4.76 -30.67 -11.73
N TYR A 352 4.47 -29.66 -12.54
CA TYR A 352 4.56 -28.28 -12.06
C TYR A 352 3.60 -28.03 -10.91
N LEU A 353 2.37 -28.56 -11.02
CA LEU A 353 1.40 -28.36 -9.94
C LEU A 353 1.80 -29.14 -8.70
N GLU A 354 2.39 -30.33 -8.87
CA GLU A 354 2.84 -31.11 -7.72
C GLU A 354 3.97 -30.39 -6.99
N SER A 355 4.93 -29.84 -7.74
CA SER A 355 6.04 -29.11 -7.12
C SER A 355 5.54 -27.83 -6.45
N PHE A 356 4.65 -27.09 -7.12
CA PHE A 356 4.10 -25.89 -6.53
C PHE A 356 3.34 -26.21 -5.24
N LEU A 357 2.62 -27.32 -5.22
CA LEU A 357 1.98 -27.77 -3.99
C LEU A 357 3.02 -28.12 -2.93
N ALA A 358 4.13 -28.71 -3.35
CA ALA A 358 5.22 -28.97 -2.40
C ALA A 358 5.76 -27.69 -1.80
N PHE A 359 5.76 -26.60 -2.57
CA PHE A 359 6.11 -25.30 -1.99
C PHE A 359 5.01 -24.78 -1.08
N THR A 360 3.75 -25.12 -1.38
CA THR A 360 2.65 -24.67 -0.54
C THR A 360 2.65 -25.38 0.82
N THR A 361 3.14 -26.62 0.87
CA THR A 361 3.21 -27.37 2.12
C THR A 361 4.53 -27.17 2.86
N HIS A 362 5.40 -26.29 2.36
CA HIS A 362 6.69 -26.08 3.01
C HIS A 362 6.51 -25.41 4.37
N PRO A 363 7.38 -25.71 5.34
CA PRO A 363 7.26 -25.06 6.65
C PRO A 363 7.35 -23.55 6.61
N SER A 364 8.15 -23.00 5.69
CA SER A 364 8.36 -21.55 5.65
C SER A 364 7.07 -20.81 5.37
N GLN A 365 6.70 -19.89 6.27
CA GLN A 365 5.50 -19.09 6.07
C GLN A 365 5.63 -18.20 4.84
N PHE A 366 6.83 -17.69 4.58
CA PHE A 366 7.06 -16.85 3.41
C PHE A 366 6.83 -17.63 2.13
N LEU A 367 7.38 -18.85 2.05
CA LEU A 367 7.20 -19.67 0.85
C LEU A 367 5.73 -20.00 0.63
N ARG A 368 5.00 -20.30 1.72
CA ARG A 368 3.58 -20.59 1.59
C ARG A 368 2.81 -19.36 1.11
N SER A 369 3.15 -18.18 1.63
CA SER A 369 2.45 -16.96 1.23
C SER A 369 2.79 -16.55 -0.20
N SER A 370 3.96 -16.95 -0.71
CA SER A 370 4.36 -16.53 -2.05
C SER A 370 3.53 -17.21 -3.13
N THR A 371 3.11 -18.46 -2.90
CA THR A 371 2.39 -19.21 -3.92
C THR A 371 0.91 -18.85 -3.99
N GLN A 372 0.39 -18.09 -3.03
CA GLN A 372 -1.05 -17.85 -2.96
C GLN A 372 -1.55 -17.07 -4.16
N MET A 373 -0.77 -16.08 -4.63
CA MET A 373 -1.20 -15.28 -5.77
C MET A 373 -1.27 -16.13 -7.04
N THR A 374 -0.26 -16.97 -7.27
CA THR A 374 -0.26 -17.82 -8.45
C THR A 374 -1.38 -18.86 -8.37
N TRP A 375 -1.63 -19.40 -7.18
CA TRP A 375 -2.77 -20.32 -7.01
C TRP A 375 -4.08 -19.62 -7.35
N GLY A 376 -4.25 -18.38 -6.87
CA GLY A 376 -5.47 -17.64 -7.19
C GLY A 376 -5.60 -17.38 -8.68
N ALA A 377 -4.48 -17.10 -9.35
CA ALA A 377 -4.52 -16.90 -10.80
C ALA A 377 -4.87 -18.20 -11.52
N LEU A 378 -4.45 -19.34 -10.97
CA LEU A 378 -4.80 -20.62 -11.58
C LEU A 378 -6.29 -20.93 -11.41
N PHE A 379 -6.80 -20.81 -10.18
CA PHE A 379 -8.20 -21.10 -9.93
C PHE A 379 -9.12 -20.10 -10.64
N ARG A 380 -8.65 -18.87 -10.83
CA ARG A 380 -9.47 -17.83 -11.43
C ARG A 380 -9.52 -17.93 -12.95
N HIS A 381 -8.55 -18.60 -13.56
CA HIS A 381 -8.49 -18.68 -15.02
C HIS A 381 -9.72 -19.38 -15.58
N GLU A 382 -10.09 -19.01 -16.80
CA GLU A 382 -11.24 -19.61 -17.44
C GLU A 382 -10.92 -20.97 -18.07
N ILE A 383 -9.68 -21.17 -18.50
CA ILE A 383 -9.28 -22.40 -19.18
C ILE A 383 -8.64 -23.38 -18.21
N LEU A 384 -7.75 -22.92 -17.33
CA LEU A 384 -7.06 -23.80 -16.42
C LEU A 384 -7.93 -24.29 -15.28
N SER A 385 -9.00 -23.57 -14.95
CA SER A 385 -9.95 -24.06 -13.95
C SER A 385 -10.82 -25.19 -14.47
N ARG A 386 -10.66 -25.57 -15.74
CA ARG A 386 -11.31 -26.75 -16.29
C ARG A 386 -10.35 -27.88 -16.58
N ASP A 387 -9.04 -27.65 -16.44
CA ASP A 387 -8.06 -28.70 -16.68
C ASP A 387 -8.18 -29.76 -15.59
N PRO A 388 -8.24 -31.06 -15.95
CA PRO A 388 -8.48 -32.09 -14.94
C PRO A 388 -7.36 -32.26 -13.94
N LEU A 389 -6.12 -31.86 -14.28
CA LEU A 389 -5.01 -32.00 -13.34
C LEU A 389 -5.19 -31.06 -12.15
N LEU A 390 -5.54 -29.80 -12.41
CA LEU A 390 -5.75 -28.84 -11.34
C LEU A 390 -6.89 -29.29 -10.42
N LEU A 391 -8.02 -29.68 -11.02
CA LEU A 391 -9.13 -30.19 -10.22
C LEU A 391 -8.72 -31.43 -9.43
N ALA A 392 -7.82 -32.24 -9.98
CA ALA A 392 -7.34 -33.41 -9.26
C ALA A 392 -6.48 -33.02 -8.07
N ILE A 393 -5.71 -31.93 -8.18
CA ILE A 393 -4.88 -31.47 -7.07
C ILE A 393 -5.64 -30.56 -6.10
N ILE A 394 -6.90 -30.20 -6.42
CA ILE A 394 -7.65 -29.31 -5.53
C ILE A 394 -7.88 -29.91 -4.15
N PRO A 395 -8.24 -31.19 -3.99
CA PRO A 395 -8.39 -31.72 -2.62
C PRO A 395 -7.12 -31.66 -1.80
N LYS A 396 -5.98 -32.04 -2.38
CA LYS A 396 -4.71 -31.93 -1.67
C LYS A 396 -4.40 -30.47 -1.34
N TYR A 397 -4.70 -29.55 -2.25
CA TYR A 397 -4.47 -28.14 -1.99
C TYR A 397 -5.35 -27.64 -0.85
N LEU A 398 -6.58 -28.11 -0.77
CA LEU A 398 -7.48 -27.69 0.30
C LEU A 398 -7.04 -28.27 1.64
N ARG A 399 -6.54 -29.50 1.63
CA ARG A 399 -6.04 -30.09 2.87
C ARG A 399 -4.81 -29.32 3.37
N ALA A 400 -3.84 -29.09 2.47
CA ALA A 400 -2.68 -28.30 2.85
C ALA A 400 -3.08 -26.90 3.30
N SER A 401 -4.10 -26.33 2.66
CA SER A 401 -4.58 -25.01 3.05
C SER A 401 -5.13 -25.03 4.48
N MET A 402 -5.98 -26.01 4.79
CA MET A 402 -6.44 -26.18 6.15
C MET A 402 -5.28 -26.28 7.13
N THR A 403 -4.23 -27.02 6.76
CA THR A 403 -3.05 -27.09 7.60
C THR A 403 -2.39 -25.72 7.74
N ASN A 404 -2.51 -24.85 6.73
CA ASN A 404 -1.88 -23.55 6.76
C ASN A 404 -2.72 -22.48 7.43
N LEU A 405 -3.99 -22.74 7.70
CA LEU A 405 -4.83 -21.74 8.35
C LEU A 405 -4.57 -21.64 9.85
N VAL A 406 -3.98 -22.66 10.46
CA VAL A 406 -3.72 -22.64 11.89
C VAL A 406 -2.54 -21.70 12.17
N LYS A 407 -2.72 -20.80 13.13
CA LYS A 407 -1.69 -19.82 13.48
C LYS A 407 -0.64 -20.49 14.36
N MET A 408 0.38 -21.05 13.73
CA MET A 408 1.52 -21.62 14.44
C MET A 408 2.80 -21.25 13.71
N GLY A 409 3.90 -21.22 14.46
CA GLY A 409 5.18 -20.88 13.89
C GLY A 409 5.71 -19.55 14.39
N PHE A 410 5.38 -19.19 15.62
CA PHE A 410 5.93 -17.96 16.20
C PHE A 410 7.43 -18.09 16.38
N PRO A 411 8.20 -17.04 16.08
CA PRO A 411 9.65 -17.15 16.18
C PRO A 411 10.14 -17.32 17.61
N SER A 412 9.39 -16.85 18.61
CA SER A 412 9.84 -16.99 19.99
C SER A 412 9.70 -18.42 20.49
N LYS A 413 8.77 -19.19 19.94
CA LYS A 413 8.52 -20.55 20.38
C LYS A 413 9.25 -21.55 19.48
N THR A 414 9.11 -22.83 19.82
CA THR A 414 9.76 -23.91 19.09
C THR A 414 8.83 -25.11 18.92
N ASP A 415 7.51 -24.88 18.91
CA ASP A 415 6.55 -25.96 18.80
C ASP A 415 6.34 -26.43 17.37
N SER A 416 6.67 -25.61 16.38
CA SER A 416 6.45 -25.93 14.98
C SER A 416 7.76 -25.82 14.20
N PRO A 417 7.95 -26.63 13.16
CA PRO A 417 9.12 -26.44 12.29
C PRO A 417 9.09 -25.13 11.52
N SER A 418 7.94 -24.46 11.46
CA SER A 418 7.86 -23.14 10.85
C SER A 418 8.52 -22.07 11.72
N CYS A 419 8.73 -22.35 13.00
CA CYS A 419 9.29 -21.34 13.90
C CYS A 419 10.70 -20.94 13.50
N GLU A 420 11.47 -21.87 12.94
CA GLU A 420 12.85 -21.56 12.54
C GLU A 420 12.88 -20.58 11.38
N TYR A 421 12.18 -20.92 10.29
CA TYR A 421 12.07 -20.01 9.16
C TYR A 421 11.45 -18.69 9.58
N SER A 422 10.53 -18.71 10.54
CA SER A 422 9.96 -17.46 11.04
C SER A 422 11.00 -16.64 11.78
N ARG A 423 11.92 -17.30 12.49
CA ARG A 423 13.04 -16.59 13.09
C ARG A 423 13.95 -15.99 12.03
N PHE A 424 14.10 -16.66 10.90
CA PHE A 424 14.95 -16.13 9.84
C PHE A 424 14.30 -14.93 9.16
N ASP A 425 13.00 -15.01 8.87
CA ASP A 425 12.34 -14.01 8.03
C ASP A 425 11.67 -12.89 8.82
N PHE A 426 11.59 -12.97 10.15
CA PHE A 426 10.88 -11.99 10.93
C PHE A 426 11.71 -11.58 12.14
N ASP A 427 11.34 -10.44 12.72
CA ASP A 427 12.04 -9.86 13.86
C ASP A 427 11.44 -10.24 15.21
N SER A 428 10.11 -10.21 15.33
CA SER A 428 9.45 -10.48 16.59
C SER A 428 8.15 -11.23 16.32
N ASP A 429 7.47 -11.63 17.40
CA ASP A 429 6.19 -12.32 17.27
C ASP A 429 5.12 -11.41 16.69
N GLU A 430 5.26 -10.10 16.88
CA GLU A 430 4.26 -9.16 16.36
C GLU A 430 4.28 -9.14 14.84
N ASP A 431 5.47 -9.06 14.24
CA ASP A 431 5.58 -9.10 12.78
C ASP A 431 4.98 -10.39 12.23
N PHE A 432 5.32 -11.53 12.84
CA PHE A 432 4.77 -12.80 12.39
C PHE A 432 3.25 -12.83 12.54
N ASN A 433 2.73 -12.21 13.59
CA ASN A 433 1.28 -12.21 13.81
C ASN A 433 0.58 -11.39 12.74
N ALA A 434 1.02 -10.16 12.51
CA ALA A 434 0.37 -9.31 11.51
C ALA A 434 0.50 -9.91 10.12
N PHE A 435 1.71 -10.34 9.75
CA PHE A 435 1.93 -10.96 8.44
C PHE A 435 1.05 -12.19 8.27
N PHE A 436 0.97 -13.03 9.28
CA PHE A 436 0.14 -14.23 9.20
C PHE A 436 -1.34 -13.86 9.05
N ASN A 437 -1.76 -12.79 9.71
CA ASN A 437 -3.16 -12.36 9.61
C ASN A 437 -3.49 -11.90 8.19
N SER A 438 -2.62 -11.06 7.61
CA SER A 438 -2.87 -10.57 6.26
C SER A 438 -2.82 -11.70 5.24
N SER A 439 -1.75 -12.50 5.28
CA SER A 439 -1.64 -13.61 4.33
C SER A 439 -2.80 -14.58 4.48
N ARG A 440 -3.29 -14.79 5.71
CA ARG A 440 -4.47 -15.60 5.90
C ARG A 440 -5.69 -14.98 5.24
N ALA A 441 -5.83 -13.65 5.38
CA ALA A 441 -6.93 -12.95 4.72
C ALA A 441 -6.87 -13.11 3.20
N GLN A 442 -5.67 -13.25 2.64
CA GLN A 442 -5.55 -13.47 1.20
C GLN A 442 -5.89 -14.91 0.83
N GLN A 443 -5.37 -15.87 1.59
CA GLN A 443 -5.70 -17.27 1.34
C GLN A 443 -7.18 -17.56 1.58
N GLY A 444 -7.90 -16.65 2.23
CA GLY A 444 -9.35 -16.77 2.24
C GLY A 444 -9.94 -16.59 0.84
N GLU A 445 -9.51 -15.54 0.15
CA GLU A 445 -10.01 -15.28 -1.21
C GLU A 445 -9.54 -16.37 -2.18
N VAL A 446 -8.25 -16.68 -2.18
CA VAL A 446 -7.76 -17.74 -3.06
C VAL A 446 -8.43 -19.07 -2.73
N MET A 447 -8.63 -19.32 -1.44
CA MET A 447 -9.24 -20.57 -1.00
C MET A 447 -10.70 -20.66 -1.46
N ARG A 448 -11.43 -19.55 -1.44
CA ARG A 448 -12.78 -19.54 -1.99
C ARG A 448 -12.76 -19.80 -3.49
N LEU A 449 -11.80 -19.19 -4.19
CA LEU A 449 -11.62 -19.49 -5.62
C LEU A 449 -11.39 -20.97 -5.85
N ALA A 450 -10.73 -21.65 -4.91
CA ALA A 450 -10.58 -23.10 -5.02
C ALA A 450 -11.87 -23.83 -4.66
N CYS A 451 -12.67 -23.27 -3.74
CA CYS A 451 -13.87 -23.96 -3.29
C CYS A 451 -14.97 -23.92 -4.35
N ARG A 452 -15.04 -22.86 -5.16
CA ARG A 452 -16.05 -22.81 -6.20
C ARG A 452 -15.84 -23.88 -7.26
N LEU A 453 -14.63 -24.43 -7.36
CA LEU A 453 -14.33 -25.47 -8.33
C LEU A 453 -14.68 -26.88 -7.84
N ASP A 454 -14.66 -27.10 -6.52
CA ASP A 454 -14.98 -28.40 -5.94
C ASP A 454 -15.72 -28.18 -4.63
N PRO A 455 -17.05 -28.01 -4.69
CA PRO A 455 -17.82 -27.70 -3.48
C PRO A 455 -18.03 -28.91 -2.58
N LYS A 456 -18.12 -30.09 -3.19
CA LYS A 456 -18.39 -31.31 -2.43
C LYS A 456 -17.27 -31.61 -1.45
N THR A 457 -16.04 -31.66 -1.95
CA THR A 457 -14.91 -31.98 -1.07
C THR A 457 -14.67 -30.88 -0.05
N SER A 458 -14.85 -29.62 -0.45
CA SER A 458 -14.63 -28.52 0.48
C SER A 458 -15.64 -28.54 1.62
N PHE A 459 -16.92 -28.76 1.30
CA PHE A 459 -17.93 -28.87 2.35
C PHE A 459 -17.69 -30.10 3.21
N GLN A 460 -17.25 -31.20 2.60
CA GLN A 460 -16.93 -32.40 3.36
C GLN A 460 -15.84 -32.11 4.39
N MET A 461 -14.74 -31.50 3.96
CA MET A 461 -13.63 -31.23 4.87
C MET A 461 -14.01 -30.20 5.93
N ALA A 462 -14.81 -29.20 5.56
CA ALA A 462 -15.28 -28.22 6.53
C ALA A 462 -16.12 -28.88 7.61
N GLY A 463 -17.10 -29.69 7.21
CA GLY A 463 -17.93 -30.38 8.18
C GLY A 463 -17.13 -31.32 9.07
N GLU A 464 -16.23 -32.09 8.47
CA GLU A 464 -15.39 -33.00 9.26
C GLU A 464 -14.56 -32.23 10.27
N TRP A 465 -14.02 -31.08 9.86
CA TRP A 465 -13.23 -30.27 10.79
C TRP A 465 -14.10 -29.73 11.93
N LEU A 466 -15.31 -29.27 11.61
CA LEU A 466 -16.20 -28.76 12.63
C LEU A 466 -16.56 -29.84 13.65
N LYS A 467 -16.96 -31.02 13.16
CA LYS A 467 -17.24 -32.13 14.06
C LYS A 467 -16.02 -32.47 14.90
N TYR A 468 -14.83 -32.41 14.29
CA TYR A 468 -13.59 -32.69 15.02
C TYR A 468 -13.42 -31.72 16.19
N GLN A 469 -13.53 -30.41 15.93
CA GLN A 469 -13.37 -29.44 16.99
C GLN A 469 -14.46 -29.56 18.05
N LEU A 470 -15.67 -29.95 17.65
CA LEU A 470 -16.74 -30.13 18.63
C LEU A 470 -16.52 -31.36 19.49
N SER A 471 -15.84 -32.38 18.97
CA SER A 471 -15.65 -33.63 19.70
C SER A 471 -14.29 -33.74 20.37
N THR A 472 -13.24 -33.20 19.78
CA THR A 472 -11.88 -33.39 20.27
C THR A 472 -11.54 -32.36 21.35
N PHE A 473 -10.86 -32.84 22.40
CA PHE A 473 -10.35 -31.99 23.46
C PHE A 473 -8.88 -31.67 23.19
N LEU A 474 -8.56 -30.38 23.16
CA LEU A 474 -7.21 -29.92 22.86
C LEU A 474 -6.67 -29.08 24.02
N ASP A 475 -5.36 -29.01 24.11
CA ASP A 475 -4.71 -28.24 25.16
C ASP A 475 -5.09 -26.77 25.05
N ALA A 476 -5.35 -26.15 26.20
CA ALA A 476 -5.73 -24.73 26.28
C ALA A 476 -4.87 -24.05 27.34
N GLY A 477 -3.67 -23.62 26.94
CA GLY A 477 -2.78 -22.83 27.77
C GLY A 477 -2.67 -23.20 29.24
N SER A 491 -6.72 -20.80 35.25
CA SER A 491 -7.77 -20.48 34.29
C SER A 491 -7.70 -21.40 33.08
N LEU A 492 -8.84 -21.96 32.69
CA LEU A 492 -8.91 -22.86 31.54
C LEU A 492 -9.02 -22.08 30.23
N CYS A 493 -8.17 -21.08 30.04
CA CYS A 493 -8.31 -20.17 28.92
C CYS A 493 -6.94 -19.90 28.31
N SER A 494 -6.93 -19.61 27.00
CA SER A 494 -5.68 -19.48 26.27
C SER A 494 -5.93 -18.71 24.98
N VAL A 495 -4.83 -18.21 24.41
CA VAL A 495 -4.87 -17.55 23.11
C VAL A 495 -3.85 -18.11 22.12
N PHE A 496 -2.78 -18.76 22.55
CA PHE A 496 -1.82 -19.37 21.65
C PHE A 496 -1.94 -20.89 21.60
N SER A 497 -2.82 -21.48 22.39
CA SER A 497 -2.91 -22.93 22.48
C SER A 497 -3.44 -23.53 21.19
N PRO A 498 -3.19 -24.82 20.95
CA PRO A 498 -3.78 -25.48 19.77
C PRO A 498 -5.29 -25.39 19.74
N SER A 499 -5.95 -25.34 20.91
CA SER A 499 -7.40 -25.22 20.95
C SER A 499 -7.87 -23.97 20.22
N PHE A 500 -7.34 -22.80 20.59
CA PHE A 500 -7.86 -21.55 20.02
C PHE A 500 -7.45 -21.39 18.57
N VAL A 501 -6.21 -21.76 18.21
CA VAL A 501 -5.76 -21.55 16.84
C VAL A 501 -6.46 -22.51 15.89
N GLN A 502 -6.70 -23.76 16.33
CA GLN A 502 -7.41 -24.71 15.48
C GLN A 502 -8.90 -24.36 15.41
N TRP A 503 -9.47 -23.87 16.50
CA TRP A 503 -10.85 -23.39 16.46
C TRP A 503 -11.00 -22.23 15.50
N GLU A 504 -10.07 -21.27 15.54
CA GLU A 504 -10.13 -20.11 14.65
C GLU A 504 -9.95 -20.53 13.20
N ALA A 505 -8.98 -21.41 12.93
CA ALA A 505 -8.74 -21.88 11.57
C ALA A 505 -9.96 -22.63 11.03
N MET A 506 -10.53 -23.53 11.84
CA MET A 506 -11.73 -24.24 11.42
C MET A 506 -12.88 -23.27 11.16
N THR A 507 -13.00 -22.24 11.99
CA THR A 507 -14.10 -21.29 11.83
C THR A 507 -13.96 -20.50 10.54
N LEU A 508 -12.76 -20.00 10.24
CA LEU A 508 -12.55 -19.27 8.99
C LEU A 508 -12.74 -20.17 7.78
N PHE A 509 -12.22 -21.40 7.85
CA PHE A 509 -12.37 -22.33 6.73
C PHE A 509 -13.83 -22.64 6.46
N LEU A 510 -14.60 -22.97 7.50
CA LEU A 510 -16.02 -23.24 7.33
C LEU A 510 -16.75 -22.01 6.81
N GLU A 511 -16.38 -20.83 7.30
CA GLU A 511 -17.01 -19.59 6.83
C GLU A 511 -16.82 -19.42 5.33
N SER A 512 -15.57 -19.52 4.86
CA SER A 512 -15.32 -19.37 3.43
C SER A 512 -16.02 -20.45 2.62
N VAL A 513 -15.95 -21.70 3.08
CA VAL A 513 -16.52 -22.81 2.33
C VAL A 513 -18.03 -22.63 2.16
N ILE A 514 -18.73 -22.32 3.25
CA ILE A 514 -20.18 -22.19 3.15
C ILE A 514 -20.56 -20.94 2.36
N THR A 515 -19.85 -19.83 2.57
CA THR A 515 -20.15 -18.61 1.84
C THR A 515 -20.04 -18.85 0.33
N GLN A 516 -18.90 -19.39 -0.12
CA GLN A 516 -18.73 -19.65 -1.54
C GLN A 516 -19.72 -20.71 -2.02
N MET A 517 -20.08 -21.67 -1.17
CA MET A 517 -21.04 -22.68 -1.56
C MET A 517 -22.39 -22.05 -1.90
N PHE A 518 -22.93 -21.24 -1.00
CA PHE A 518 -24.17 -20.54 -1.30
C PHE A 518 -23.99 -19.47 -2.37
N ARG A 519 -22.76 -19.10 -2.70
CA ARG A 519 -22.55 -18.16 -3.80
C ARG A 519 -22.62 -18.84 -5.16
N THR A 520 -22.13 -20.07 -5.26
CA THR A 520 -22.00 -20.75 -6.56
C THR A 520 -22.96 -21.90 -6.76
N LEU A 521 -23.14 -22.76 -5.76
CA LEU A 521 -23.94 -23.95 -5.95
C LEU A 521 -25.41 -23.60 -6.17
N ASN A 522 -26.07 -24.36 -7.04
CA ASN A 522 -27.51 -24.22 -7.23
C ASN A 522 -28.24 -24.68 -5.98
N ARG A 523 -29.42 -24.09 -5.76
CA ARG A 523 -30.23 -24.45 -4.60
C ARG A 523 -30.64 -25.91 -4.62
N GLU A 524 -30.66 -26.53 -5.80
CA GLU A 524 -31.01 -27.95 -5.93
C GLU A 524 -29.89 -28.87 -5.48
N GLU A 525 -28.65 -28.38 -5.39
CA GLU A 525 -27.49 -29.22 -5.12
C GLU A 525 -26.84 -28.89 -3.78
N ILE A 526 -27.56 -28.24 -2.87
CA ILE A 526 -27.01 -27.85 -1.58
C ILE A 526 -27.25 -28.97 -0.57
N PRO A 527 -26.22 -29.41 0.15
CA PRO A 527 -26.42 -30.46 1.16
C PRO A 527 -27.19 -29.96 2.37
N VAL A 528 -28.52 -29.85 2.22
CA VAL A 528 -29.35 -29.25 3.26
C VAL A 528 -29.31 -30.09 4.53
N ASN A 529 -29.37 -31.41 4.40
CA ASN A 529 -29.42 -32.28 5.57
C ASN A 529 -28.12 -32.19 6.37
N ASP A 530 -26.98 -32.25 5.69
CA ASP A 530 -25.70 -32.19 6.39
C ASP A 530 -25.49 -30.82 7.02
N GLY A 531 -25.85 -29.74 6.32
CA GLY A 531 -25.71 -28.42 6.89
C GLY A 531 -26.60 -28.20 8.10
N ILE A 532 -27.84 -28.66 8.02
CA ILE A 532 -28.75 -28.58 9.17
C ILE A 532 -28.20 -29.40 10.33
N GLU A 533 -27.60 -30.56 10.02
CA GLU A 533 -26.98 -31.37 11.06
C GLU A 533 -25.87 -30.61 11.77
N LEU A 534 -24.98 -29.97 10.99
CA LEU A 534 -23.91 -29.19 11.58
C LEU A 534 -24.46 -28.04 12.42
N LEU A 535 -25.49 -27.36 11.91
CA LEU A 535 -26.10 -26.26 12.67
C LEU A 535 -26.64 -26.76 14.00
N GLN A 536 -27.29 -27.92 14.00
CA GLN A 536 -27.77 -28.49 15.26
C GLN A 536 -26.60 -28.80 16.19
N MET A 537 -25.50 -29.33 15.63
CA MET A 537 -24.36 -29.70 16.47
C MET A 537 -23.73 -28.47 17.11
N VAL A 538 -23.66 -27.36 16.39
CA VAL A 538 -23.09 -26.14 16.99
C VAL A 538 -24.10 -25.44 17.89
N LEU A 539 -25.40 -25.65 17.68
CA LEU A 539 -26.38 -25.07 18.59
C LEU A 539 -26.41 -25.80 19.92
N ASN A 540 -26.16 -27.12 19.90
CA ASN A 540 -26.13 -27.88 21.14
C ASN A 540 -24.81 -27.73 21.90
N PHE A 541 -23.74 -27.35 21.20
CA PHE A 541 -22.43 -27.23 21.83
C PHE A 541 -22.40 -26.05 22.80
N ASP A 542 -21.69 -26.23 23.92
CA ASP A 542 -21.64 -25.22 24.96
C ASP A 542 -20.23 -25.16 25.55
N THR A 543 -19.73 -23.95 25.74
CA THR A 543 -18.48 -23.70 26.44
C THR A 543 -18.61 -22.44 27.28
N LYS A 544 -17.86 -22.41 28.38
CA LYS A 544 -17.74 -21.20 29.19
C LYS A 544 -16.56 -20.35 28.78
N ASP A 545 -15.72 -20.82 27.87
CA ASP A 545 -14.60 -20.03 27.37
C ASP A 545 -15.12 -18.98 26.39
N PRO A 546 -14.82 -17.70 26.60
CA PRO A 546 -15.35 -16.67 25.69
C PRO A 546 -14.89 -16.83 24.25
N LEU A 547 -13.59 -16.98 24.01
CA LEU A 547 -13.09 -17.05 22.64
C LEU A 547 -13.73 -18.19 21.86
N ILE A 548 -13.79 -19.37 22.47
CA ILE A 548 -14.46 -20.51 21.82
C ILE A 548 -15.92 -20.17 21.53
N LEU A 549 -16.57 -19.46 22.45
CA LEU A 549 -17.95 -19.05 22.22
C LEU A 549 -18.06 -18.13 21.01
N SER A 550 -17.07 -17.24 20.83
CA SER A 550 -17.06 -16.40 19.64
C SER A 550 -16.92 -17.25 18.37
N CYS A 551 -16.05 -18.27 18.41
CA CYS A 551 -15.97 -19.18 17.28
C CYS A 551 -17.30 -19.86 17.01
N VAL A 552 -18.02 -20.24 18.06
CA VAL A 552 -19.32 -20.88 17.90
C VAL A 552 -20.32 -19.93 17.26
N LEU A 553 -20.33 -18.68 17.71
CA LEU A 553 -21.24 -17.69 17.13
C LEU A 553 -20.93 -17.45 15.65
N THR A 554 -19.65 -17.38 15.30
CA THR A 554 -19.29 -17.22 13.89
C THR A 554 -19.70 -18.45 13.09
N ASN A 555 -19.62 -19.65 13.69
CA ASN A 555 -20.09 -20.85 12.99
C ASN A 555 -21.60 -20.83 12.80
N VAL A 556 -22.34 -20.27 13.77
CA VAL A 556 -23.79 -20.19 13.63
C VAL A 556 -24.17 -19.19 12.55
N SER A 557 -23.50 -18.03 12.53
CA SER A 557 -23.76 -17.05 11.47
C SER A 557 -23.32 -17.58 10.12
N ALA A 558 -22.34 -18.48 10.09
CA ALA A 558 -21.91 -19.06 8.82
C ALA A 558 -22.88 -20.13 8.34
N LEU A 559 -23.41 -20.93 9.26
CA LEU A 559 -24.38 -21.98 8.94
C LEU A 559 -25.80 -21.46 8.85
N PHE A 560 -26.03 -20.17 9.09
CA PHE A 560 -27.39 -19.65 9.14
C PHE A 560 -28.17 -19.80 7.83
N PRO A 561 -27.57 -19.70 6.62
CA PRO A 561 -28.38 -19.88 5.40
C PRO A 561 -29.20 -21.15 5.37
N PHE A 562 -28.79 -22.17 6.12
CA PHE A 562 -29.56 -23.40 6.20
C PHE A 562 -30.87 -23.22 6.94
N VAL A 563 -30.99 -22.18 7.77
CA VAL A 563 -32.24 -21.95 8.50
C VAL A 563 -33.39 -21.66 7.54
N THR A 564 -33.08 -21.08 6.37
CA THR A 564 -34.12 -20.81 5.38
C THR A 564 -34.83 -22.08 4.94
N TYR A 565 -34.11 -23.20 4.92
CA TYR A 565 -34.73 -24.47 4.56
C TYR A 565 -35.50 -25.09 5.72
N ARG A 566 -35.05 -24.85 6.96
CA ARG A 566 -35.67 -25.41 8.15
C ARG A 566 -35.79 -24.31 9.20
N PRO A 567 -36.77 -23.41 9.06
CA PRO A 567 -36.88 -22.28 10.00
C PRO A 567 -37.25 -22.70 11.43
N GLU A 568 -37.49 -24.00 11.65
CA GLU A 568 -37.75 -24.48 13.01
C GLU A 568 -36.59 -24.18 13.95
N PHE A 569 -35.38 -24.03 13.42
CA PHE A 569 -34.21 -23.70 14.24
C PHE A 569 -34.19 -22.25 14.68
N LEU A 570 -35.07 -21.40 14.15
CA LEU A 570 -35.01 -19.98 14.45
C LEU A 570 -35.13 -19.65 15.94
N PRO A 571 -36.03 -20.28 16.74
CA PRO A 571 -36.02 -20.00 18.18
C PRO A 571 -34.68 -20.32 18.83
N GLN A 572 -34.23 -21.55 18.65
CA GLN A 572 -32.98 -21.99 19.27
C GLN A 572 -31.82 -21.08 18.88
N VAL A 573 -31.73 -20.73 17.59
CA VAL A 573 -30.68 -19.82 17.15
C VAL A 573 -30.76 -18.51 17.93
N PHE A 574 -31.96 -17.94 18.05
CA PHE A 574 -32.14 -16.78 18.93
C PHE A 574 -31.54 -17.04 20.29
N SER A 575 -31.91 -18.17 20.90
CA SER A 575 -31.41 -18.51 22.23
C SER A 575 -29.89 -18.57 22.28
N LYS A 576 -29.25 -18.98 21.18
CA LYS A 576 -27.79 -19.02 21.18
C LYS A 576 -27.21 -17.62 21.08
N LEU A 577 -27.85 -16.74 20.32
CA LEU A 577 -27.29 -15.41 20.11
C LEU A 577 -27.53 -14.51 21.31
N PHE A 578 -28.80 -14.33 21.69
CA PHE A 578 -29.14 -13.37 22.74
C PHE A 578 -28.51 -13.75 24.07
N SER A 579 -28.46 -15.04 24.39
CA SER A 579 -27.76 -15.46 25.60
C SER A 579 -26.31 -14.99 25.59
N SER A 580 -25.65 -15.11 24.43
CA SER A 580 -24.26 -14.66 24.32
C SER A 580 -24.14 -13.15 24.52
N VAL A 581 -25.23 -12.39 24.32
CA VAL A 581 -25.20 -10.96 24.59
C VAL A 581 -24.95 -10.71 26.07
N THR A 582 -25.43 -11.60 26.93
CA THR A 582 -25.34 -11.44 28.38
C THR A 582 -24.29 -12.37 28.98
N PHE A 583 -23.19 -12.59 28.27
CA PHE A 583 -22.15 -13.52 28.73
C PHE A 583 -21.28 -12.87 29.80
N GLU A 584 -21.93 -12.52 30.91
CA GLU A 584 -21.23 -12.10 32.11
C GLU A 584 -21.05 -13.25 33.10
N THR A 585 -21.32 -14.48 32.65
CA THR A 585 -21.26 -15.65 33.54
C THR A 585 -19.87 -15.92 34.06
N VAL A 586 -18.83 -15.32 33.49
CA VAL A 586 -17.48 -15.55 33.97
C VAL A 586 -17.25 -14.83 35.29
N GLU A 587 -17.60 -13.55 35.36
CA GLU A 587 -17.44 -12.74 36.56
C GLU A 587 -18.39 -11.56 36.48
N GLU A 588 -19.10 -11.28 37.58
CA GLU A 588 -20.11 -10.24 37.61
C GLU A 588 -19.55 -8.91 38.12
N SER A 589 -19.11 -8.86 39.37
CA SER A 589 -18.53 -7.66 39.93
C SER A 589 -17.26 -7.91 40.75
N LYS A 590 -16.83 -9.16 40.90
CA LYS A 590 -15.61 -9.44 41.64
C LYS A 590 -14.37 -8.91 40.92
N ALA A 591 -14.39 -8.92 39.59
CA ALA A 591 -13.28 -8.45 38.77
C ALA A 591 -13.84 -7.86 37.49
N PRO A 592 -13.13 -6.94 36.86
CA PRO A 592 -13.63 -6.37 35.59
C PRO A 592 -13.64 -7.41 34.49
N ARG A 593 -14.54 -7.19 33.52
CA ARG A 593 -14.68 -8.12 32.42
C ARG A 593 -13.49 -8.03 31.48
N THR A 594 -13.04 -9.18 31.00
CA THR A 594 -11.89 -9.25 30.10
C THR A 594 -12.29 -8.86 28.69
N ARG A 595 -11.28 -8.50 27.88
CA ARG A 595 -11.55 -8.09 26.50
C ARG A 595 -12.19 -9.22 25.71
N ALA A 596 -11.86 -10.47 26.03
CA ALA A 596 -12.49 -11.60 25.35
C ALA A 596 -14.01 -11.58 25.53
N VAL A 597 -14.47 -11.26 26.74
CA VAL A 597 -15.91 -11.23 27.01
C VAL A 597 -16.59 -10.15 26.19
N ARG A 598 -16.03 -8.93 26.22
CA ARG A 598 -16.54 -7.84 25.39
C ARG A 598 -16.60 -8.26 23.93
N ASN A 599 -15.57 -8.95 23.46
CA ASN A 599 -15.57 -9.43 22.08
C ASN A 599 -16.70 -10.43 21.85
N VAL A 600 -17.02 -11.24 22.85
CA VAL A 600 -18.08 -12.24 22.68
C VAL A 600 -19.44 -11.58 22.60
N ARG A 601 -19.78 -10.75 23.58
CA ARG A 601 -21.06 -10.03 23.56
C ARG A 601 -21.19 -9.20 22.29
N ARG A 602 -20.07 -8.59 21.85
CA ARG A 602 -20.08 -7.81 20.63
C ARG A 602 -20.37 -8.70 19.42
N HIS A 603 -19.74 -9.88 19.36
CA HIS A 603 -20.04 -10.83 18.29
C HIS A 603 -21.51 -11.24 18.31
N ALA A 604 -22.10 -11.34 19.51
CA ALA A 604 -23.51 -11.71 19.62
C ALA A 604 -24.40 -10.63 19.03
N CYS A 605 -24.24 -9.39 19.51
CA CYS A 605 -25.05 -8.29 18.98
C CYS A 605 -24.85 -8.13 17.47
N SER A 606 -23.59 -8.24 17.02
CA SER A 606 -23.30 -8.12 15.60
C SER A 606 -23.99 -9.22 14.79
N SER A 607 -23.96 -10.45 15.30
CA SER A 607 -24.64 -11.55 14.61
C SER A 607 -26.14 -11.33 14.56
N ILE A 608 -26.71 -10.75 15.63
CA ILE A 608 -28.13 -10.40 15.62
C ILE A 608 -28.41 -9.37 14.53
N ILE A 609 -27.54 -8.37 14.40
CA ILE A 609 -27.74 -7.35 13.37
C ILE A 609 -27.64 -7.99 11.97
N LYS A 610 -26.67 -8.89 11.78
CA LYS A 610 -26.51 -9.54 10.48
C LYS A 610 -27.72 -10.40 10.14
N MET A 611 -28.27 -11.09 11.15
CA MET A 611 -29.47 -11.90 10.92
C MET A 611 -30.66 -11.03 10.57
N CYS A 612 -30.86 -9.93 11.31
CA CYS A 612 -31.98 -9.05 11.02
C CYS A 612 -31.81 -8.29 9.71
N ARG A 613 -30.57 -8.21 9.20
CA ARG A 613 -30.30 -7.50 7.95
C ARG A 613 -30.41 -8.40 6.73
N ASP A 614 -29.90 -9.63 6.83
CA ASP A 614 -29.87 -10.53 5.69
C ASP A 614 -31.10 -11.42 5.59
N TYR A 615 -31.86 -11.59 6.67
CA TYR A 615 -33.08 -12.39 6.66
C TYR A 615 -34.16 -11.67 7.45
N PRO A 616 -34.62 -10.52 6.96
CA PRO A 616 -35.67 -9.80 7.69
C PRO A 616 -37.01 -10.51 7.68
N GLN A 617 -37.35 -11.17 6.58
CA GLN A 617 -38.64 -11.85 6.49
C GLN A 617 -38.73 -13.04 7.43
N LEU A 618 -37.60 -13.58 7.89
CA LEU A 618 -37.63 -14.68 8.84
C LEU A 618 -37.87 -14.18 10.26
N VAL A 619 -37.27 -13.05 10.63
CA VAL A 619 -37.40 -12.51 11.98
C VAL A 619 -38.61 -11.61 12.15
N LEU A 620 -39.24 -11.18 11.05
CA LEU A 620 -40.35 -10.22 11.15
C LEU A 620 -41.51 -10.72 11.98
N PRO A 621 -42.02 -11.96 11.82
CA PRO A 621 -43.15 -12.39 12.65
C PRO A 621 -42.81 -12.47 14.15
N ASN A 622 -41.53 -12.42 14.52
CA ASN A 622 -41.12 -12.45 15.91
C ASN A 622 -40.69 -11.08 16.42
N PHE A 623 -41.12 -10.02 15.73
CA PHE A 623 -40.73 -8.66 16.13
C PHE A 623 -41.24 -8.31 17.52
N ASP A 624 -42.39 -8.87 17.91
CA ASP A 624 -42.94 -8.57 19.23
C ASP A 624 -42.08 -9.17 20.33
N MET A 625 -41.69 -10.45 20.19
CA MET A 625 -40.89 -11.09 21.21
C MET A 625 -39.46 -10.54 21.22
N LEU A 626 -38.93 -10.20 20.04
CA LEU A 626 -37.58 -9.62 20.00
C LEU A 626 -37.56 -8.23 20.61
N TYR A 627 -38.56 -7.40 20.30
CA TYR A 627 -38.68 -6.09 20.91
C TYR A 627 -38.84 -6.20 22.42
N ASN A 628 -39.72 -7.12 22.86
CA ASN A 628 -39.96 -7.28 24.29
C ASN A 628 -38.70 -7.74 25.03
N HIS A 629 -37.94 -8.66 24.42
CA HIS A 629 -36.74 -9.14 25.08
C HIS A 629 -35.67 -8.06 25.10
N VAL A 630 -35.55 -7.28 24.02
CA VAL A 630 -34.58 -6.19 23.99
C VAL A 630 -34.91 -5.18 25.07
N LYS A 631 -36.17 -4.76 25.16
CA LYS A 631 -36.55 -3.77 26.17
C LYS A 631 -36.46 -4.34 27.58
N GLN A 632 -36.58 -5.66 27.73
CA GLN A 632 -36.31 -6.28 29.02
C GLN A 632 -34.81 -6.21 29.35
N LEU A 633 -33.96 -6.31 28.34
CA LEU A 633 -32.53 -6.11 28.55
C LEU A 633 -32.20 -4.65 28.82
N LEU A 634 -33.03 -3.72 28.36
CA LEU A 634 -32.82 -2.29 28.60
C LEU A 634 -33.52 -1.81 29.87
N SER A 635 -34.33 -2.64 30.50
CA SER A 635 -34.99 -2.24 31.74
C SER A 635 -33.95 -1.88 32.81
N ASN A 636 -32.88 -2.65 32.91
CA ASN A 636 -31.77 -2.35 33.79
C ASN A 636 -30.71 -1.58 33.01
N GLU A 637 -30.44 -0.34 33.43
CA GLU A 637 -29.49 0.49 32.70
C GLU A 637 -28.06 -0.01 32.85
N LEU A 638 -27.74 -0.65 33.97
CA LEU A 638 -26.38 -1.06 34.28
C LEU A 638 -25.98 -2.37 33.62
N LEU A 639 -26.93 -3.15 33.12
CA LEU A 639 -26.62 -4.49 32.64
C LEU A 639 -25.84 -4.45 31.32
N LEU A 640 -26.38 -3.78 30.32
CA LEU A 640 -25.81 -3.82 28.98
C LEU A 640 -24.88 -2.63 28.73
N THR A 641 -23.83 -2.89 27.95
CA THR A 641 -23.00 -1.81 27.44
C THR A 641 -23.78 -0.98 26.44
N GLN A 642 -23.39 0.29 26.29
CA GLN A 642 -24.10 1.20 25.40
C GLN A 642 -24.05 0.71 23.95
N MET A 643 -22.87 0.27 23.50
CA MET A 643 -22.76 -0.29 22.15
C MET A 643 -23.65 -1.52 21.98
N GLU A 644 -23.84 -2.29 23.05
CA GLU A 644 -24.70 -3.46 22.97
C GLU A 644 -26.17 -3.05 22.89
N LYS A 645 -26.60 -2.13 23.76
CA LYS A 645 -27.95 -1.60 23.71
C LYS A 645 -28.29 -1.08 22.31
N CYS A 646 -27.47 -0.15 21.81
CA CYS A 646 -27.75 0.48 20.53
C CYS A 646 -27.53 -0.47 19.37
N ALA A 647 -26.71 -1.51 19.54
CA ALA A 647 -26.61 -2.54 18.51
C ALA A 647 -27.91 -3.33 18.39
N LEU A 648 -28.45 -3.78 19.53
CA LEU A 648 -29.75 -4.44 19.51
C LEU A 648 -30.83 -3.51 18.96
N MET A 649 -30.72 -2.21 19.27
CA MET A 649 -31.64 -1.24 18.68
C MET A 649 -31.51 -1.22 17.15
N GLU A 650 -30.27 -1.25 16.65
CA GLU A 650 -30.07 -1.31 15.20
C GLU A 650 -30.72 -2.55 14.62
N ALA A 651 -30.63 -3.68 15.31
CA ALA A 651 -31.30 -4.89 14.86
C ALA A 651 -32.81 -4.68 14.79
N LEU A 652 -33.39 -4.12 15.86
CA LEU A 652 -34.83 -3.88 15.88
C LEU A 652 -35.28 -2.98 14.74
N VAL A 653 -34.47 -1.95 14.44
CA VAL A 653 -34.80 -1.07 13.32
C VAL A 653 -34.72 -1.83 12.00
N LEU A 654 -33.69 -2.66 11.84
CA LEU A 654 -33.58 -3.46 10.62
C LEU A 654 -34.79 -4.37 10.43
N ILE A 655 -35.32 -4.91 11.52
CA ILE A 655 -36.56 -5.67 11.42
C ILE A 655 -37.71 -4.74 11.04
N SER A 656 -37.76 -3.56 11.65
CA SER A 656 -38.87 -2.64 11.42
C SER A 656 -38.95 -2.18 9.98
N ASN A 657 -37.81 -2.12 9.28
CA ASN A 657 -37.83 -1.73 7.89
C ASN A 657 -38.66 -2.68 7.04
N GLN A 658 -38.76 -3.94 7.45
CA GLN A 658 -39.53 -4.92 6.69
C GLN A 658 -41.04 -4.73 6.85
N PHE A 659 -41.48 -3.89 7.79
CA PHE A 659 -42.90 -3.55 7.85
C PHE A 659 -43.37 -2.92 6.55
N LYS A 660 -42.52 -2.09 5.93
CA LYS A 660 -42.84 -1.41 4.67
C LYS A 660 -44.12 -0.59 4.81
N ASN A 661 -44.29 0.03 5.97
CA ASN A 661 -45.39 0.95 6.23
C ASN A 661 -44.84 2.14 6.98
N TYR A 662 -45.14 3.35 6.49
CA TYR A 662 -44.53 4.56 7.05
C TYR A 662 -45.00 4.78 8.49
N GLU A 663 -46.30 4.70 8.75
CA GLU A 663 -46.82 5.02 10.07
C GLU A 663 -46.38 3.99 11.11
N ARG A 664 -46.31 2.71 10.73
CA ARG A 664 -45.89 1.67 11.66
C ARG A 664 -44.46 1.89 12.12
N GLN A 665 -43.53 1.98 11.16
CA GLN A 665 -42.13 2.24 11.51
C GLN A 665 -41.98 3.57 12.24
N LYS A 666 -42.78 4.56 11.86
CA LYS A 666 -42.76 5.85 12.55
C LYS A 666 -43.09 5.68 14.03
N VAL A 667 -44.20 5.02 14.34
CA VAL A 667 -44.60 4.83 15.73
C VAL A 667 -43.55 4.02 16.48
N PHE A 668 -43.04 2.95 15.87
CA PHE A 668 -42.03 2.15 16.55
C PHE A 668 -40.78 2.95 16.83
N LEU A 669 -40.37 3.83 15.92
CA LEU A 669 -39.16 4.62 16.13
C LEU A 669 -39.38 5.70 17.18
N GLU A 670 -40.57 6.29 17.22
CA GLU A 670 -40.89 7.24 18.29
C GLU A 670 -40.84 6.57 19.66
N GLU A 671 -41.51 5.41 19.78
CA GLU A 671 -41.49 4.69 21.05
C GLU A 671 -40.09 4.23 21.42
N LEU A 672 -39.29 3.86 20.43
CA LEU A 672 -37.93 3.37 20.70
C LEU A 672 -37.00 4.50 21.12
N MET A 673 -37.18 5.68 20.53
CA MET A 673 -36.30 6.81 20.80
C MET A 673 -36.79 7.72 21.92
N ALA A 674 -37.98 7.48 22.46
CA ALA A 674 -38.47 8.29 23.58
C ALA A 674 -37.53 8.26 24.78
N PRO A 675 -37.00 7.12 25.23
CA PRO A 675 -36.01 7.16 26.33
C PRO A 675 -34.78 7.98 25.97
N VAL A 676 -34.35 7.97 24.71
CA VAL A 676 -33.26 8.83 24.29
C VAL A 676 -33.71 10.28 24.24
N ALA A 677 -35.00 10.52 23.95
CA ALA A 677 -35.49 11.88 23.89
C ALA A 677 -35.54 12.54 25.26
N SER A 678 -35.92 11.78 26.30
CA SER A 678 -36.00 12.35 27.63
C SER A 678 -34.62 12.74 28.16
N ILE A 679 -33.61 11.91 27.91
CA ILE A 679 -32.26 12.23 28.38
C ILE A 679 -31.60 13.28 27.51
N TRP A 680 -31.88 13.28 26.21
CA TRP A 680 -31.22 14.17 25.28
C TRP A 680 -31.80 15.58 25.31
N LEU A 681 -33.11 15.71 25.54
CA LEU A 681 -33.78 17.00 25.49
C LEU A 681 -34.04 17.60 26.87
N SER A 682 -33.55 16.97 27.93
CA SER A 682 -33.68 17.55 29.26
C SER A 682 -32.86 18.82 29.37
N GLN A 683 -33.40 19.83 30.07
CA GLN A 683 -32.72 21.11 30.15
C GLN A 683 -31.39 21.01 30.86
N ASP A 684 -31.24 20.03 31.76
CA ASP A 684 -29.93 19.79 32.38
C ASP A 684 -28.92 19.34 31.35
N MET A 685 -29.29 18.33 30.54
CA MET A 685 -28.42 17.90 29.45
C MET A 685 -28.22 18.99 28.43
N HIS A 686 -29.27 19.78 28.16
CA HIS A 686 -29.15 20.88 27.21
C HIS A 686 -28.14 21.92 27.68
N ARG A 687 -28.10 22.18 28.99
CA ARG A 687 -27.12 23.09 29.54
C ARG A 687 -25.74 22.46 29.66
N VAL A 688 -25.66 21.13 29.76
CA VAL A 688 -24.36 20.46 29.78
C VAL A 688 -23.68 20.57 28.42
N LEU A 689 -24.42 20.30 27.35
CA LEU A 689 -23.87 20.36 26.00
C LEU A 689 -23.57 21.79 25.54
N SER A 690 -24.07 22.80 26.25
CA SER A 690 -23.88 24.19 25.85
C SER A 690 -22.66 24.81 26.53
N ASP A 691 -22.64 24.81 27.86
CA ASP A 691 -21.53 25.38 28.61
C ASP A 691 -20.34 24.43 28.59
N VAL A 692 -19.18 24.95 28.24
CA VAL A 692 -17.98 24.11 28.17
C VAL A 692 -17.53 23.70 29.56
N ASP A 693 -17.76 24.55 30.57
CA ASP A 693 -17.39 24.18 31.93
C ASP A 693 -18.31 23.10 32.48
N ALA A 694 -19.61 23.19 32.20
CA ALA A 694 -20.54 22.18 32.70
C ALA A 694 -20.34 20.85 32.00
N PHE A 695 -19.87 20.85 30.76
CA PHE A 695 -19.57 19.61 30.06
C PHE A 695 -18.45 18.85 30.75
N ILE A 696 -17.41 19.56 31.18
CA ILE A 696 -16.31 18.93 31.90
C ILE A 696 -16.79 18.40 33.26
N ALA A 697 -17.64 19.16 33.93
CA ALA A 697 -18.18 18.71 35.21
C ALA A 697 -19.08 17.49 35.05
N TYR A 698 -19.73 17.35 33.89
CA TYR A 698 -20.58 16.20 33.65
C TYR A 698 -19.75 14.97 33.28
N VAL A 699 -18.81 15.13 32.34
CA VAL A 699 -17.93 14.02 31.99
C VAL A 699 -17.02 13.64 33.16
N GLY A 700 -16.46 14.64 33.82
CA GLY A 700 -15.64 14.39 35.00
C GLY A 700 -14.15 14.38 34.73
N THR A 701 -13.70 15.29 33.85
CA THR A 701 -12.29 15.42 33.55
C THR A 701 -11.56 16.39 34.49
N ASP A 702 -12.29 17.05 35.39
CA ASP A 702 -11.70 17.94 36.39
C ASP A 702 -11.62 17.21 37.72
N GLN A 703 -10.65 16.30 37.84
CA GLN A 703 -10.42 15.54 39.06
C GLN A 703 -8.97 15.70 39.47
N LYS A 704 -8.72 16.50 40.51
CA LYS A 704 -7.35 16.77 40.94
C LYS A 704 -6.67 15.51 41.47
N SER A 705 -7.21 14.94 42.54
CA SER A 705 -6.67 13.73 43.13
C SER A 705 -7.51 12.54 42.67
N CYS A 706 -6.84 11.54 42.12
CA CYS A 706 -7.51 10.39 41.51
C CYS A 706 -7.51 9.21 42.48
N ASP A 707 -8.70 8.67 42.72
CA ASP A 707 -8.92 7.45 43.49
C ASP A 707 -9.87 6.55 42.71
N PRO A 708 -9.70 5.23 42.83
CA PRO A 708 -10.59 4.33 42.08
C PRO A 708 -12.07 4.51 42.40
N GLY A 709 -12.39 4.89 43.64
CA GLY A 709 -13.76 5.20 43.99
C GLY A 709 -14.15 6.60 43.55
N LEU A 710 -15.45 6.88 43.69
CA LEU A 710 -16.08 8.16 43.37
C LEU A 710 -16.06 8.50 41.89
N GLU A 711 -15.54 7.61 41.03
CA GLU A 711 -15.51 7.85 39.59
C GLU A 711 -16.69 7.22 38.87
N ASP A 712 -17.62 6.60 39.59
CA ASP A 712 -18.75 5.90 39.01
C ASP A 712 -19.85 6.84 38.51
N PRO A 713 -20.25 7.86 39.28
CA PRO A 713 -21.30 8.76 38.75
C PRO A 713 -20.93 9.41 37.43
N CYS A 714 -19.70 9.93 37.31
CA CYS A 714 -19.26 10.47 36.04
C CYS A 714 -19.29 9.42 34.94
N GLY A 715 -18.95 8.17 35.28
CA GLY A 715 -19.05 7.09 34.31
C GLY A 715 -20.46 6.87 33.82
N LEU A 716 -21.44 6.96 34.72
CA LEU A 716 -22.83 6.87 34.29
C LEU A 716 -23.23 8.07 33.45
N ASN A 717 -22.66 9.25 33.73
CA ASN A 717 -22.97 10.44 32.94
C ASN A 717 -22.49 10.28 31.50
N ARG A 718 -21.18 10.09 31.33
CA ARG A 718 -20.63 9.93 29.98
C ARG A 718 -21.18 8.68 29.30
N ALA A 719 -21.58 7.68 30.08
CA ALA A 719 -22.22 6.49 29.51
C ALA A 719 -23.60 6.83 28.96
N ARG A 720 -24.35 7.70 29.65
CA ARG A 720 -25.65 8.09 29.15
C ARG A 720 -25.53 8.95 27.91
N MET A 721 -24.60 9.91 27.91
CA MET A 721 -24.35 10.71 26.70
C MET A 721 -23.98 9.80 25.53
N SER A 722 -23.04 8.88 25.75
CA SER A 722 -22.65 7.95 24.70
C SER A 722 -23.83 7.11 24.25
N PHE A 723 -24.76 6.78 25.16
CA PHE A 723 -25.95 6.03 24.79
C PHE A 723 -26.83 6.85 23.83
N CYS A 724 -27.04 8.12 24.15
CA CYS A 724 -27.83 8.97 23.28
C CYS A 724 -27.21 9.08 21.90
N VAL A 725 -25.91 9.41 21.83
CA VAL A 725 -25.26 9.57 20.54
C VAL A 725 -25.29 8.28 19.74
N TYR A 726 -24.95 7.16 20.39
CA TYR A 726 -24.96 5.87 19.70
C TYR A 726 -26.36 5.54 19.18
N SER A 727 -27.40 5.84 19.96
CA SER A 727 -28.76 5.55 19.51
C SER A 727 -29.13 6.40 18.29
N ILE A 728 -28.83 7.69 18.33
CA ILE A 728 -29.10 8.55 17.17
C ILE A 728 -28.40 8.02 15.94
N LEU A 729 -27.11 7.68 16.09
CA LEU A 729 -26.35 7.16 14.95
C LEU A 729 -26.95 5.87 14.40
N GLY A 730 -27.37 4.98 15.30
CA GLY A 730 -27.95 3.71 14.84
C GLY A 730 -29.26 3.91 14.10
N VAL A 731 -30.15 4.73 14.65
CA VAL A 731 -31.45 4.94 14.02
C VAL A 731 -31.28 5.65 12.69
N VAL A 732 -30.37 6.62 12.61
CA VAL A 732 -30.13 7.28 11.33
C VAL A 732 -29.50 6.32 10.33
N LYS A 733 -28.66 5.40 10.80
CA LYS A 733 -27.91 4.54 9.89
C LYS A 733 -28.77 3.40 9.34
N ARG A 734 -29.66 2.84 10.16
CA ARG A 734 -30.37 1.62 9.77
C ARG A 734 -31.72 1.85 9.13
N THR A 735 -32.42 2.93 9.46
CA THR A 735 -33.77 3.13 8.95
C THR A 735 -33.74 3.43 7.45
N CYS A 736 -34.67 2.82 6.72
CA CYS A 736 -34.74 3.01 5.28
C CYS A 736 -36.15 2.67 4.79
N TRP A 737 -36.52 3.28 3.66
CA TRP A 737 -37.78 3.01 2.99
C TRP A 737 -37.62 1.87 2.00
N PRO A 738 -38.72 1.25 1.56
CA PRO A 738 -38.60 0.10 0.65
C PRO A 738 -37.85 0.45 -0.63
N THR A 739 -37.07 -0.52 -1.10
CA THR A 739 -36.31 -0.34 -2.34
C THR A 739 -37.25 -0.24 -3.54
N ASP A 740 -38.22 -1.15 -3.63
CA ASP A 740 -39.18 -1.11 -4.71
C ASP A 740 -40.07 0.12 -4.59
N LEU A 741 -40.31 0.78 -5.72
CA LEU A 741 -41.09 2.01 -5.70
C LEU A 741 -42.55 1.75 -5.37
N GLU A 742 -43.11 0.66 -5.88
CA GLU A 742 -44.51 0.35 -5.61
C GLU A 742 -44.76 0.14 -4.12
N GLU A 743 -43.87 -0.60 -3.45
CA GLU A 743 -43.99 -0.78 -2.01
C GLU A 743 -43.78 0.54 -1.27
N ALA A 744 -42.99 1.45 -1.85
CA ALA A 744 -42.80 2.75 -1.22
C ALA A 744 -44.07 3.59 -1.28
N LYS A 745 -44.72 3.64 -2.45
CA LYS A 745 -45.98 4.36 -2.57
C LYS A 745 -47.06 3.71 -1.69
N ALA A 746 -47.10 2.38 -1.65
CA ALA A 746 -48.13 1.68 -0.88
C ALA A 746 -48.00 1.99 0.60
N GLY A 747 -46.78 1.91 1.14
CA GLY A 747 -46.56 2.21 2.54
C GLY A 747 -46.62 3.66 2.92
N GLY A 748 -46.84 4.55 1.95
CA GLY A 748 -46.90 5.98 2.24
C GLY A 748 -45.55 6.64 2.36
N PHE A 749 -44.54 6.12 1.65
CA PHE A 749 -43.20 6.68 1.70
C PHE A 749 -42.94 7.73 0.64
N VAL A 750 -43.73 7.75 -0.43
CA VAL A 750 -43.59 8.74 -1.50
C VAL A 750 -44.54 9.88 -1.22
N VAL A 751 -44.00 11.09 -1.11
CA VAL A 751 -44.78 12.28 -0.77
C VAL A 751 -44.73 13.33 -1.87
N GLY A 752 -43.99 13.10 -2.93
CA GLY A 752 -43.93 14.07 -4.02
C GLY A 752 -43.02 13.59 -5.13
N TYR A 753 -42.64 14.53 -5.99
CA TYR A 753 -41.74 14.24 -7.09
C TYR A 753 -40.86 15.46 -7.35
N THR A 754 -39.62 15.21 -7.76
CA THR A 754 -38.65 16.27 -7.96
C THR A 754 -39.00 17.08 -9.21
N SER A 755 -38.18 18.09 -9.49
CA SER A 755 -38.34 18.86 -10.72
C SER A 755 -38.04 18.01 -11.94
N SER A 756 -36.98 17.20 -11.88
CA SER A 756 -36.64 16.31 -12.98
C SER A 756 -37.58 15.12 -13.11
N GLY A 757 -38.48 14.92 -12.14
CA GLY A 757 -39.40 13.80 -12.17
C GLY A 757 -39.06 12.65 -11.25
N ASN A 758 -37.93 12.72 -10.55
CA ASN A 758 -37.55 11.65 -9.64
C ASN A 758 -38.50 11.61 -8.44
N PRO A 759 -38.64 10.45 -7.80
CA PRO A 759 -39.54 10.36 -6.64
C PRO A 759 -38.96 11.06 -5.42
N ILE A 760 -39.87 11.43 -4.52
CA ILE A 760 -39.52 12.06 -3.25
C ILE A 760 -39.89 11.11 -2.13
N PHE A 761 -38.93 10.80 -1.27
CA PHE A 761 -39.13 9.87 -0.17
C PHE A 761 -39.02 10.60 1.17
N ARG A 762 -39.67 10.01 2.19
CA ARG A 762 -39.63 10.53 3.54
C ARG A 762 -39.27 9.39 4.49
N ASN A 763 -38.39 9.69 5.45
CA ASN A 763 -37.90 8.68 6.38
C ASN A 763 -38.66 8.75 7.70
N PRO A 764 -39.09 7.63 8.25
CA PRO A 764 -39.84 7.67 9.52
C PRO A 764 -39.06 8.24 10.69
N CYS A 765 -37.73 8.17 10.66
CA CYS A 765 -36.93 8.67 11.77
C CYS A 765 -36.71 10.18 11.73
N THR A 766 -37.13 10.84 10.65
CA THR A 766 -36.84 12.27 10.48
C THR A 766 -37.42 13.09 11.61
N GLU A 767 -38.73 12.95 11.87
CA GLU A 767 -39.40 13.79 12.85
C GLU A 767 -38.79 13.66 14.23
N GLN A 768 -38.16 12.52 14.53
CA GLN A 768 -37.52 12.33 15.82
C GLN A 768 -36.08 12.82 15.84
N ILE A 769 -35.32 12.59 14.77
CA ILE A 769 -33.91 13.00 14.77
C ILE A 769 -33.79 14.52 14.69
N LEU A 770 -34.69 15.18 13.96
CA LEU A 770 -34.62 16.62 13.82
C LEU A 770 -34.74 17.32 15.17
N LYS A 771 -35.47 16.73 16.12
CA LYS A 771 -35.54 17.28 17.46
C LYS A 771 -34.24 17.14 18.23
N LEU A 772 -33.37 16.22 17.81
CA LEU A 772 -32.08 16.00 18.45
C LEU A 772 -30.92 16.69 17.72
N LEU A 773 -31.16 17.16 16.49
CA LEU A 773 -30.09 17.76 15.70
C LEU A 773 -29.50 18.98 16.39
N ASP A 774 -30.33 19.80 17.05
CA ASP A 774 -29.83 21.03 17.66
C ASP A 774 -28.88 20.73 18.81
N ASN A 775 -29.32 19.90 19.76
CA ASN A 775 -28.44 19.53 20.86
C ASN A 775 -27.21 18.80 20.38
N LEU A 776 -27.35 18.00 19.30
CA LEU A 776 -26.18 17.35 18.71
C LEU A 776 -25.17 18.40 18.24
N LEU A 777 -25.64 19.41 17.50
CA LEU A 777 -24.75 20.47 17.04
C LEU A 777 -24.15 21.24 18.20
N ALA A 778 -24.88 21.36 19.31
CA ALA A 778 -24.30 21.99 20.50
C ALA A 778 -23.16 21.15 21.05
N LEU A 779 -23.34 19.83 21.13
CA LEU A 779 -22.27 18.96 21.59
C LEU A 779 -21.06 19.04 20.66
N ILE A 780 -21.30 19.13 19.35
CA ILE A 780 -20.20 19.27 18.40
C ILE A 780 -19.48 20.60 18.61
N ARG A 781 -20.24 21.66 18.91
CA ARG A 781 -19.63 22.95 19.22
C ARG A 781 -18.72 22.84 20.44
N THR A 782 -19.24 22.28 21.54
CA THR A 782 -18.44 22.19 22.75
C THR A 782 -17.21 21.31 22.56
N HIS A 783 -17.37 20.21 21.81
CA HIS A 783 -16.24 19.31 21.60
C HIS A 783 -15.17 19.96 20.72
N ASN A 784 -15.58 20.67 19.67
CA ASN A 784 -14.61 21.36 18.83
C ASN A 784 -13.91 22.47 19.60
N THR A 785 -14.64 23.16 20.49
CA THR A 785 -14.03 24.20 21.31
C THR A 785 -13.06 23.61 22.32
N LEU A 786 -13.35 22.41 22.83
CA LEU A 786 -12.53 21.82 23.88
C LEU A 786 -11.10 21.54 23.45
N TYR A 787 -10.83 21.53 22.14
CA TYR A 787 -9.47 21.34 21.65
C TYR A 787 -8.64 22.61 21.70
N ALA A 788 -9.25 23.76 21.96
CA ALA A 788 -8.47 24.99 22.12
C ALA A 788 -7.63 24.91 23.39
N PRO A 789 -6.38 25.35 23.34
CA PRO A 789 -5.53 25.27 24.54
C PRO A 789 -6.10 26.02 25.73
N GLU A 790 -6.85 27.10 25.49
CA GLU A 790 -7.51 27.80 26.58
C GLU A 790 -8.49 26.89 27.33
N MET A 791 -9.28 26.12 26.58
CA MET A 791 -10.20 25.18 27.23
C MET A 791 -9.52 23.86 27.55
N LEU A 792 -8.49 23.48 26.79
CA LEU A 792 -7.77 22.24 27.06
C LEU A 792 -7.01 22.31 28.39
N ALA A 793 -6.49 23.48 28.74
CA ALA A 793 -5.81 23.64 30.02
C ALA A 793 -6.76 23.56 31.21
N LYS A 794 -8.06 23.58 30.98
CA LYS A 794 -9.03 23.54 32.07
C LYS A 794 -9.15 22.14 32.68
N MET A 795 -8.73 21.10 31.95
CA MET A 795 -8.84 19.74 32.47
C MET A 795 -7.82 19.52 33.58
N ALA A 796 -8.00 18.39 34.28
CA ALA A 796 -7.10 18.04 35.37
C ALA A 796 -5.76 17.55 34.84
N GLU A 797 -4.81 17.36 35.76
CA GLU A 797 -3.50 16.87 35.37
C GLU A 797 -3.55 15.43 34.87
N PRO A 798 -4.21 14.48 35.54
CA PRO A 798 -4.26 13.12 34.99
C PRO A 798 -5.08 12.99 33.72
N PHE A 799 -5.80 14.03 33.30
CA PHE A 799 -6.62 13.99 32.10
C PHE A 799 -6.16 15.01 31.06
N THR A 800 -4.89 15.41 31.09
CA THR A 800 -4.36 16.33 30.10
C THR A 800 -4.22 15.69 28.73
N LYS A 801 -4.24 14.36 28.67
CA LYS A 801 -4.11 13.62 27.42
C LYS A 801 -5.44 13.00 26.97
N ALA A 802 -6.55 13.46 27.56
CA ALA A 802 -7.85 12.88 27.23
C ALA A 802 -8.25 13.13 25.78
N LEU A 803 -7.69 14.17 25.15
CA LEU A 803 -7.95 14.46 23.75
C LEU A 803 -6.82 14.02 22.84
N ASP A 804 -5.78 13.38 23.37
CA ASP A 804 -4.65 12.97 22.57
C ASP A 804 -5.00 11.75 21.71
N MET A 805 -4.18 11.53 20.70
CA MET A 805 -4.35 10.38 19.82
C MET A 805 -4.07 9.09 20.56
N LEU A 806 -4.93 8.10 20.35
CA LEU A 806 -4.76 6.81 21.02
C LEU A 806 -3.49 6.12 20.55
N ASP A 807 -2.94 5.27 21.43
CA ASP A 807 -1.70 4.56 21.09
C ASP A 807 -1.92 3.55 19.98
N ALA A 808 -3.09 2.90 19.96
CA ALA A 808 -3.39 1.95 18.90
C ALA A 808 -3.47 2.65 17.55
N GLU A 809 -4.03 3.85 17.51
CA GLU A 809 -4.06 4.63 16.29
C GLU A 809 -2.66 5.04 15.85
N LYS A 810 -1.82 5.41 16.82
CA LYS A 810 -0.44 5.78 16.50
C LYS A 810 0.31 4.60 15.89
N SER A 811 0.30 3.45 16.57
CA SER A 811 0.99 2.27 16.03
C SER A 811 0.39 1.82 14.72
N ALA A 812 -0.91 2.03 14.53
CA ALA A 812 -1.56 1.63 13.29
C ALA A 812 -1.09 2.49 12.12
N ILE A 813 -1.17 3.81 12.26
CA ILE A 813 -0.77 4.70 11.17
C ILE A 813 0.74 4.66 10.95
N LEU A 814 1.52 4.31 11.97
CA LEU A 814 2.97 4.26 11.83
C LEU A 814 3.46 2.97 11.21
N GLY A 815 2.56 2.06 10.83
CA GLY A 815 2.93 0.80 10.23
C GLY A 815 3.42 -0.27 11.20
N LEU A 816 3.79 0.11 12.42
CA LEU A 816 4.27 -0.86 13.38
C LEU A 816 3.14 -1.80 13.81
N PRO A 817 3.47 -3.04 14.16
CA PRO A 817 2.42 -4.01 14.50
C PRO A 817 1.74 -3.66 15.82
N GLN A 818 0.51 -4.16 15.96
CA GLN A 818 -0.24 -3.99 17.19
C GLN A 818 0.37 -4.84 18.31
N PRO A 819 0.20 -4.44 19.56
CA PRO A 819 0.71 -5.26 20.67
C PRO A 819 0.00 -6.60 20.73
N LEU A 820 0.75 -7.62 21.14
CA LEU A 820 0.28 -9.00 21.17
C LEU A 820 0.00 -9.38 22.62
N LEU A 821 -1.26 -9.65 22.94
CA LEU A 821 -1.67 -9.94 24.31
C LEU A 821 -2.74 -11.02 24.30
N GLU A 822 -2.89 -11.68 25.45
CA GLU A 822 -3.87 -12.75 25.62
C GLU A 822 -5.21 -12.14 26.01
N LEU A 823 -6.19 -12.25 25.10
CA LEU A 823 -7.49 -11.64 25.33
C LEU A 823 -8.23 -12.25 26.51
N ASN A 824 -7.90 -13.50 26.88
CA ASN A 824 -8.64 -14.16 27.95
C ASN A 824 -8.28 -13.58 29.32
N ASP A 825 -7.00 -13.27 29.53
CA ASP A 825 -6.54 -12.66 30.77
C ASP A 825 -5.98 -11.28 30.42
N SER A 826 -6.88 -10.30 30.29
CA SER A 826 -6.51 -8.93 29.97
C SER A 826 -7.69 -8.01 30.23
N PRO A 827 -7.49 -6.92 30.97
CA PRO A 827 -8.59 -5.97 31.18
C PRO A 827 -8.96 -5.25 29.89
N VAL A 828 -10.13 -4.63 29.91
CA VAL A 828 -10.63 -3.98 28.70
C VAL A 828 -9.89 -2.66 28.46
N PHE A 829 -9.54 -1.94 29.51
CA PHE A 829 -8.87 -0.66 29.38
C PHE A 829 -7.51 -0.63 30.06
N LYS A 830 -7.43 -1.07 31.32
CA LYS A 830 -6.20 -1.12 32.10
C LYS A 830 -5.65 0.27 32.41
N THR A 831 -6.36 1.32 31.97
CA THR A 831 -5.98 2.69 32.28
C THR A 831 -7.19 3.58 32.08
N VAL A 832 -7.53 4.36 33.11
CA VAL A 832 -8.67 5.27 33.01
C VAL A 832 -8.41 6.35 31.96
N LEU A 833 -7.14 6.72 31.76
CA LEU A 833 -6.82 7.67 30.71
C LEU A 833 -7.16 7.12 29.34
N GLU A 834 -6.88 5.82 29.10
CA GLU A 834 -7.24 5.22 27.83
C GLU A 834 -8.74 5.10 27.66
N ARG A 835 -9.47 4.86 28.76
CA ARG A 835 -10.93 4.87 28.70
C ARG A 835 -11.44 6.24 28.29
N MET A 836 -10.86 7.30 28.85
CA MET A 836 -11.26 8.66 28.47
C MET A 836 -10.93 8.95 27.01
N GLN A 837 -9.70 8.63 26.60
CA GLN A 837 -9.29 8.89 25.22
C GLN A 837 -10.18 8.16 24.22
N ARG A 838 -10.44 6.88 24.47
CA ARG A 838 -11.35 6.13 23.62
C ARG A 838 -12.75 6.72 23.62
N PHE A 839 -13.21 7.21 24.79
CA PHE A 839 -14.52 7.82 24.86
C PHE A 839 -14.61 9.06 23.98
N PHE A 840 -13.63 9.97 24.10
CA PHE A 840 -13.66 11.20 23.32
C PHE A 840 -13.48 10.92 21.84
N SER A 841 -12.64 9.94 21.49
CA SER A 841 -12.46 9.60 20.08
C SER A 841 -13.74 9.05 19.47
N THR A 842 -14.33 8.04 20.12
CA THR A 842 -15.54 7.43 19.58
C THR A 842 -16.72 8.40 19.59
N LEU A 843 -16.76 9.32 20.55
CA LEU A 843 -17.83 10.31 20.59
C LEU A 843 -17.67 11.32 19.46
N TYR A 844 -16.49 11.94 19.37
CA TYR A 844 -16.20 12.91 18.31
C TYR A 844 -16.45 12.31 16.94
N GLU A 845 -16.00 11.07 16.71
CA GLU A 845 -16.20 10.46 15.41
C GLU A 845 -17.67 10.07 15.19
N ASN A 846 -18.35 9.65 16.25
CA ASN A 846 -19.73 9.21 16.11
C ASN A 846 -20.66 10.37 15.77
N CYS A 847 -20.41 11.56 16.33
CA CYS A 847 -21.26 12.71 16.00
C CYS A 847 -21.16 13.05 14.52
N PHE A 848 -19.93 13.13 14.00
CA PHE A 848 -19.76 13.37 12.57
C PHE A 848 -20.25 12.20 11.72
N HIS A 849 -20.35 11.00 12.31
CA HIS A 849 -21.04 9.92 11.62
C HIS A 849 -22.54 10.19 11.53
N ILE A 850 -23.12 10.78 12.58
CA ILE A 850 -24.53 11.14 12.55
C ILE A 850 -24.79 12.19 11.49
N LEU A 851 -23.97 13.25 11.49
CA LEU A 851 -24.14 14.30 10.48
C LEU A 851 -23.80 13.79 9.08
N GLY A 852 -22.95 12.76 8.99
CA GLY A 852 -22.62 12.20 7.69
C GLY A 852 -23.75 11.39 7.11
N LYS A 853 -24.26 10.42 7.88
CA LYS A 853 -25.36 9.59 7.44
C LYS A 853 -26.70 10.32 7.44
N ALA A 854 -26.75 11.53 8.02
CA ALA A 854 -28.03 12.23 8.16
C ALA A 854 -28.59 12.64 6.80
N GLY A 855 -27.73 13.08 5.89
CA GLY A 855 -28.15 13.49 4.57
C GLY A 855 -28.87 12.41 3.79
N PRO A 856 -28.16 11.32 3.45
CA PRO A 856 -28.79 10.25 2.67
C PRO A 856 -29.94 9.56 3.38
N SER A 857 -29.98 9.59 4.71
CA SER A 857 -31.09 8.97 5.43
C SER A 857 -32.37 9.79 5.26
N MET A 858 -32.30 11.09 5.53
CA MET A 858 -33.42 12.02 5.35
C MET A 858 -32.92 13.18 4.50
N GLN A 859 -32.93 12.97 3.17
CA GLN A 859 -32.26 13.86 2.23
C GLN A 859 -32.86 15.26 2.22
N GLN A 860 -34.11 15.39 1.76
CA GLN A 860 -34.71 16.71 1.59
C GLN A 860 -35.07 17.34 2.92
N ASP A 861 -35.57 16.54 3.87
CA ASP A 861 -35.90 17.07 5.18
C ASP A 861 -34.67 17.51 5.96
N PHE A 862 -33.50 16.95 5.65
CA PHE A 862 -32.27 17.40 6.29
C PHE A 862 -31.61 18.55 5.53
N TYR A 863 -31.82 18.64 4.21
CA TYR A 863 -31.21 19.72 3.45
C TYR A 863 -32.02 21.01 3.50
N THR A 864 -33.33 20.90 3.72
CA THR A 864 -34.20 22.08 3.85
C THR A 864 -34.32 22.56 5.29
N VAL A 865 -33.36 22.22 6.15
CA VAL A 865 -33.39 22.69 7.53
C VAL A 865 -33.09 24.18 7.57
N GLU A 866 -33.85 24.91 8.39
CA GLU A 866 -33.70 26.35 8.50
C GLU A 866 -32.28 26.71 8.92
N ASP A 867 -31.58 27.46 8.06
CA ASP A 867 -30.20 27.89 8.31
C ASP A 867 -29.29 26.70 8.59
N LEU A 868 -29.23 25.79 7.60
CA LEU A 868 -28.46 24.57 7.76
C LEU A 868 -26.96 24.83 7.61
N ALA A 869 -26.56 25.47 6.50
CA ALA A 869 -25.14 25.70 6.25
C ALA A 869 -24.51 26.58 7.32
N THR A 870 -25.24 27.62 7.75
CA THR A 870 -24.72 28.51 8.78
C THR A 870 -24.60 27.79 10.12
N GLN A 871 -25.54 26.88 10.43
CA GLN A 871 -25.44 26.12 11.66
C GLN A 871 -24.28 25.13 11.61
N LEU A 872 -24.02 24.54 10.45
CA LEU A 872 -22.86 23.65 10.32
C LEU A 872 -21.56 24.43 10.44
N LEU A 873 -21.48 25.60 9.81
CA LEU A 873 -20.28 26.42 9.92
C LEU A 873 -20.09 26.96 11.32
N SER A 874 -21.18 27.10 12.09
CA SER A 874 -21.10 27.59 13.46
C SER A 874 -20.99 26.47 14.48
N SER A 875 -21.11 25.20 14.05
CA SER A 875 -21.04 24.06 14.96
C SER A 875 -19.91 23.11 14.62
N ALA A 876 -19.76 22.72 13.36
CA ALA A 876 -18.77 21.73 12.97
C ALA A 876 -17.42 22.35 12.61
N PHE A 877 -17.38 23.63 12.27
CA PHE A 877 -16.16 24.32 11.85
C PHE A 877 -15.83 25.46 12.80
N VAL A 878 -16.03 25.23 14.10
CA VAL A 878 -15.83 26.30 15.08
C VAL A 878 -14.34 26.61 15.21
N ASN A 879 -13.56 25.63 15.62
CA ASN A 879 -12.12 25.79 15.86
C ASN A 879 -11.39 24.76 15.01
N LEU A 880 -11.14 25.12 13.75
CA LEU A 880 -10.37 24.24 12.87
C LEU A 880 -8.87 24.44 13.01
N ASN A 881 -8.43 25.52 13.66
CA ASN A 881 -7.01 25.73 13.88
C ASN A 881 -6.46 24.76 14.91
N ASN A 882 -7.13 24.65 16.07
CA ASN A 882 -6.65 23.79 17.15
C ASN A 882 -7.02 22.32 16.96
N ILE A 883 -7.95 22.01 16.06
CA ILE A 883 -8.28 20.60 15.81
C ILE A 883 -7.11 19.92 15.14
N PRO A 884 -6.61 18.80 15.67
CA PRO A 884 -5.43 18.15 15.08
C PRO A 884 -5.81 17.40 13.81
N ASP A 885 -4.76 16.86 13.16
CA ASP A 885 -4.97 16.15 11.90
C ASP A 885 -5.69 14.83 12.13
N TYR A 886 -5.34 14.10 13.20
CA TYR A 886 -5.94 12.80 13.46
C TYR A 886 -7.42 12.91 13.81
N ARG A 887 -7.90 14.10 14.17
CA ARG A 887 -9.32 14.34 14.32
C ARG A 887 -9.93 15.03 13.11
N LEU A 888 -9.12 15.69 12.29
CA LEU A 888 -9.64 16.36 11.10
C LEU A 888 -9.93 15.37 9.98
N ARG A 889 -9.03 14.41 9.75
CA ARG A 889 -9.23 13.47 8.64
C ARG A 889 -10.49 12.64 8.77
N PRO A 890 -10.81 12.03 9.93
CA PRO A 890 -12.09 11.33 10.04
C PRO A 890 -13.29 12.23 9.85
N MET A 891 -13.16 13.52 10.20
CA MET A 891 -14.25 14.46 9.97
C MET A 891 -14.52 14.64 8.48
N LEU A 892 -13.46 14.83 7.69
CA LEU A 892 -13.64 15.02 6.25
C LEU A 892 -14.08 13.74 5.56
N ARG A 893 -13.54 12.59 5.98
CA ARG A 893 -13.90 11.33 5.34
C ARG A 893 -15.30 10.87 5.72
N VAL A 894 -15.75 11.21 6.93
CA VAL A 894 -16.98 10.65 7.48
C VAL A 894 -18.15 11.60 7.29
N PHE A 895 -17.89 12.90 7.35
CA PHE A 895 -18.96 13.90 7.32
C PHE A 895 -19.00 14.68 6.01
N VAL A 896 -17.91 15.32 5.61
CA VAL A 896 -17.94 16.22 4.46
C VAL A 896 -18.18 15.42 3.18
N LYS A 897 -17.39 14.38 2.96
CA LYS A 897 -17.49 13.61 1.72
C LYS A 897 -18.86 12.99 1.50
N PRO A 898 -19.45 12.27 2.47
CA PRO A 898 -20.81 11.76 2.22
C PRO A 898 -21.86 12.84 2.12
N LEU A 899 -21.67 13.98 2.80
CA LEU A 899 -22.62 15.07 2.69
C LEU A 899 -22.62 15.65 1.27
N VAL A 900 -21.44 15.82 0.68
CA VAL A 900 -21.36 16.39 -0.67
C VAL A 900 -21.83 15.37 -1.69
N LEU A 901 -21.37 14.12 -1.57
CA LEU A 901 -21.70 13.11 -2.57
C LEU A 901 -23.16 12.69 -2.53
N PHE A 902 -23.90 13.03 -1.47
CA PHE A 902 -25.31 12.66 -1.34
C PHE A 902 -26.19 13.89 -1.24
N CYS A 903 -25.91 14.91 -2.06
CA CYS A 903 -26.72 16.11 -2.10
C CYS A 903 -27.14 16.39 -3.53
N PRO A 904 -28.43 16.61 -3.78
CA PRO A 904 -28.88 16.86 -5.16
C PRO A 904 -28.36 18.19 -5.67
N PRO A 905 -28.28 18.36 -7.00
CA PRO A 905 -27.80 19.64 -7.54
C PRO A 905 -28.75 20.81 -7.32
N GLU A 906 -30.01 20.55 -6.96
CA GLU A 906 -30.92 21.65 -6.68
C GLU A 906 -30.60 22.31 -5.34
N HIS A 907 -30.34 21.51 -4.31
CA HIS A 907 -29.90 22.00 -3.02
C HIS A 907 -28.38 22.16 -2.95
N TYR A 908 -27.71 22.20 -4.10
CA TYR A 908 -26.25 22.20 -4.12
C TYR A 908 -25.70 23.54 -3.64
N GLU A 909 -26.07 24.63 -4.32
CA GLU A 909 -25.60 25.95 -3.92
C GLU A 909 -26.26 26.45 -2.65
N ALA A 910 -27.26 25.74 -2.13
CA ALA A 910 -27.93 26.18 -0.90
C ALA A 910 -27.01 26.02 0.31
N LEU A 911 -26.40 24.85 0.47
CA LEU A 911 -25.56 24.56 1.62
C LEU A 911 -24.21 23.95 1.27
N VAL A 912 -24.03 23.40 0.07
CA VAL A 912 -22.78 22.73 -0.26
C VAL A 912 -21.67 23.75 -0.50
N SER A 913 -21.88 24.64 -1.46
CA SER A 913 -20.86 25.64 -1.78
C SER A 913 -20.52 26.56 -0.62
N PRO A 914 -21.48 27.14 0.12
CA PRO A 914 -21.11 28.03 1.24
C PRO A 914 -20.26 27.35 2.29
N ILE A 915 -20.31 26.03 2.39
CA ILE A 915 -19.45 25.29 3.32
C ILE A 915 -18.15 24.86 2.64
N LEU A 916 -18.23 24.42 1.39
CA LEU A 916 -17.04 23.91 0.70
C LEU A 916 -16.02 25.01 0.44
N GLY A 917 -16.46 26.25 0.22
CA GLY A 917 -15.55 27.33 -0.06
C GLY A 917 -14.52 27.56 1.02
N PRO A 918 -14.96 28.04 2.19
CA PRO A 918 -13.99 28.30 3.28
C PRO A 918 -13.31 27.05 3.78
N LEU A 919 -13.98 25.89 3.72
CA LEU A 919 -13.35 24.64 4.12
C LEU A 919 -12.15 24.31 3.23
N PHE A 920 -12.36 24.33 1.92
CA PHE A 920 -11.27 24.05 0.99
C PHE A 920 -10.17 25.11 1.10
N THR A 921 -10.55 26.37 1.34
CA THR A 921 -9.53 27.40 1.58
C THR A 921 -8.66 27.05 2.77
N TYR A 922 -9.29 26.72 3.90
CA TYR A 922 -8.52 26.37 5.10
C TYR A 922 -7.68 25.12 4.87
N LEU A 923 -8.18 24.16 4.09
CA LEU A 923 -7.39 22.98 3.78
C LEU A 923 -6.15 23.33 2.98
N HIS A 924 -6.29 24.25 2.01
CA HIS A 924 -5.14 24.68 1.23
C HIS A 924 -4.11 25.38 2.11
N MET A 925 -4.58 26.29 2.97
CA MET A 925 -3.65 27.02 3.84
C MET A 925 -2.93 26.08 4.80
N ARG A 926 -3.68 25.22 5.48
CA ARG A 926 -3.10 24.34 6.48
C ARG A 926 -2.14 23.33 5.84
N LEU A 927 -2.58 22.67 4.76
CA LEU A 927 -1.72 21.72 4.07
C LEU A 927 -0.47 22.41 3.52
N SER A 928 -0.60 23.64 3.05
CA SER A 928 0.57 24.37 2.57
C SER A 928 1.54 24.65 3.72
N GLN A 929 1.01 25.03 4.88
CA GLN A 929 1.87 25.34 6.02
C GLN A 929 2.60 24.10 6.52
N LYS A 930 1.84 23.05 6.88
CA LYS A 930 2.47 21.84 7.40
C LYS A 930 3.40 21.20 6.38
N TRP A 931 2.99 21.21 5.10
CA TRP A 931 3.87 20.68 4.06
C TRP A 931 5.15 21.51 3.93
N GLN A 932 5.05 22.83 4.14
CA GLN A 932 6.27 23.64 4.20
C GLN A 932 7.15 23.24 5.36
N VAL A 933 6.55 22.99 6.53
CA VAL A 933 7.31 22.55 7.69
C VAL A 933 8.03 21.24 7.40
N ILE A 934 7.37 20.34 6.67
CA ILE A 934 7.96 19.03 6.41
C ILE A 934 9.08 19.15 5.37
N ASN A 935 8.80 19.79 4.23
CA ASN A 935 9.77 19.85 3.15
C ASN A 935 10.95 20.75 3.48
N GLN A 936 10.80 21.68 4.43
CA GLN A 936 11.92 22.52 4.81
C GLN A 936 13.09 21.72 5.40
N ARG A 937 12.82 20.50 5.88
CA ARG A 937 13.87 19.60 6.32
C ARG A 937 13.89 18.34 5.46
N GLU A 952 12.00 9.85 16.72
CA GLU A 952 11.80 8.70 15.85
C GLU A 952 10.31 8.50 15.53
N SER A 953 9.53 8.18 16.56
CA SER A 953 8.12 7.88 16.37
C SER A 953 7.21 9.09 16.58
N GLN A 954 7.70 10.13 17.26
CA GLN A 954 6.83 11.27 17.58
C GLN A 954 6.71 12.23 16.40
N GLU A 955 7.80 12.43 15.65
CA GLU A 955 7.76 13.37 14.53
C GLU A 955 7.19 12.71 13.27
N MET A 956 7.66 11.50 12.96
CA MET A 956 7.13 10.76 11.82
C MET A 956 5.64 10.48 11.98
N LEU A 957 5.15 10.44 13.21
CA LEU A 957 3.71 10.31 13.42
C LEU A 957 2.96 11.51 12.86
N GLU A 958 3.38 12.71 13.25
CA GLU A 958 2.75 13.92 12.73
C GLU A 958 2.93 14.03 11.22
N GLU A 959 4.11 13.68 10.71
CA GLU A 959 4.33 13.71 9.27
C GLU A 959 3.36 12.79 8.53
N GLN A 960 3.22 11.55 9.01
CA GLN A 960 2.29 10.62 8.37
C GLN A 960 0.85 11.11 8.48
N LEU A 961 0.51 11.72 9.62
CA LEU A 961 -0.82 12.32 9.77
C LEU A 961 -1.08 13.37 8.70
N VAL A 962 -0.09 14.24 8.47
CA VAL A 962 -0.21 15.25 7.43
C VAL A 962 -0.36 14.60 6.05
N ARG A 963 0.37 13.52 5.83
CA ARG A 963 0.32 12.85 4.52
C ARG A 963 -1.07 12.26 4.27
N MET A 964 -1.60 11.50 5.22
CA MET A 964 -2.92 10.91 5.03
C MET A 964 -4.01 11.97 4.99
N LEU A 965 -3.85 13.06 5.75
CA LEU A 965 -4.78 14.17 5.65
C LEU A 965 -4.76 14.76 4.24
N THR A 966 -3.57 14.89 3.65
CA THR A 966 -3.46 15.38 2.28
C THR A 966 -4.13 14.42 1.31
N ARG A 967 -3.97 13.11 1.52
CA ARG A 967 -4.63 12.13 0.67
C ARG A 967 -6.15 12.28 0.74
N GLU A 968 -6.69 12.43 1.95
CA GLU A 968 -8.14 12.55 2.10
C GLU A 968 -8.65 13.85 1.49
N VAL A 969 -7.90 14.95 1.65
CA VAL A 969 -8.31 16.21 1.05
C VAL A 969 -8.32 16.10 -0.47
N MET A 970 -7.28 15.49 -1.04
CA MET A 970 -7.20 15.36 -2.49
C MET A 970 -8.28 14.43 -3.03
N ASP A 971 -8.65 13.39 -2.28
CA ASP A 971 -9.74 12.52 -2.72
C ASP A 971 -11.08 13.25 -2.65
N LEU A 972 -11.31 14.00 -1.57
CA LEU A 972 -12.53 14.79 -1.45
C LEU A 972 -12.66 15.78 -2.61
N ILE A 973 -11.62 16.59 -2.83
CA ILE A 973 -11.62 17.55 -3.92
C ILE A 973 -11.81 16.83 -5.26
N THR A 974 -11.21 15.64 -5.40
CA THR A 974 -11.29 14.91 -6.66
C THR A 974 -12.72 14.49 -6.95
N VAL A 975 -13.37 13.80 -6.01
CA VAL A 975 -14.73 13.34 -6.24
C VAL A 975 -15.73 14.48 -6.24
N CYS A 976 -15.36 15.64 -5.69
CA CYS A 976 -16.25 16.79 -5.71
C CYS A 976 -16.31 17.46 -7.06
N CYS A 977 -15.34 17.21 -7.94
CA CYS A 977 -15.27 17.91 -9.23
C CYS A 977 -15.13 17.00 -10.44
N VAL A 978 -14.82 15.72 -10.25
CA VAL A 978 -14.59 14.80 -11.36
C VAL A 978 -15.39 13.52 -11.12
N SER A 979 -15.93 12.97 -12.19
CA SER A 979 -16.69 11.72 -12.13
C SER A 979 -15.82 10.58 -11.61
N GLU A 1010 -14.97 15.61 -19.50
CA GLU A 1010 -15.68 14.61 -18.72
C GLU A 1010 -15.86 15.05 -17.27
N LEU A 1011 -16.08 16.35 -17.08
CA LEU A 1011 -16.30 16.91 -15.76
C LEU A 1011 -17.76 16.72 -15.35
N THR A 1012 -17.97 16.38 -14.08
CA THR A 1012 -19.31 16.07 -13.60
C THR A 1012 -20.17 17.33 -13.51
N ASP A 1013 -21.46 17.12 -13.23
CA ASP A 1013 -22.40 18.23 -13.17
C ASP A 1013 -22.17 19.06 -11.91
N LEU A 1014 -22.08 18.40 -10.74
CA LEU A 1014 -21.82 19.12 -9.50
C LEU A 1014 -20.50 19.86 -9.56
N GLY A 1015 -19.51 19.31 -10.27
CA GLY A 1015 -18.24 20.01 -10.41
C GLY A 1015 -18.39 21.34 -11.13
N LYS A 1016 -19.15 21.35 -12.23
CA LYS A 1016 -19.39 22.60 -12.94
C LYS A 1016 -20.22 23.55 -12.09
N CYS A 1017 -21.25 23.03 -11.40
CA CYS A 1017 -22.03 23.88 -10.50
C CYS A 1017 -21.15 24.52 -9.44
N LEU A 1018 -20.07 23.85 -9.04
CA LEU A 1018 -19.08 24.50 -8.19
C LEU A 1018 -18.30 25.55 -8.98
N MET A 1019 -17.82 25.18 -10.18
CA MET A 1019 -17.02 26.09 -10.98
C MET A 1019 -17.74 27.39 -11.30
N LYS A 1020 -19.07 27.42 -11.16
CA LYS A 1020 -19.79 28.69 -11.24
C LYS A 1020 -19.30 29.67 -10.18
N HIS A 1021 -19.07 29.18 -8.96
CA HIS A 1021 -18.65 30.05 -7.87
C HIS A 1021 -17.21 30.52 -8.07
N GLU A 1022 -16.89 31.64 -7.41
CA GLU A 1022 -15.56 32.24 -7.53
C GLU A 1022 -14.60 31.78 -6.43
N ASP A 1023 -15.07 31.73 -5.18
CA ASP A 1023 -14.18 31.37 -4.08
C ASP A 1023 -13.69 29.93 -4.21
N VAL A 1024 -14.57 29.02 -4.61
CA VAL A 1024 -14.17 27.62 -4.77
C VAL A 1024 -13.21 27.46 -5.95
N CYS A 1025 -13.18 28.42 -6.87
CA CYS A 1025 -12.25 28.37 -7.98
C CYS A 1025 -10.90 28.96 -7.62
N THR A 1026 -10.89 30.11 -6.95
CA THR A 1026 -9.62 30.70 -6.51
C THR A 1026 -8.98 29.90 -5.39
N ALA A 1027 -9.75 29.08 -4.68
CA ALA A 1027 -9.20 28.16 -3.68
C ALA A 1027 -9.01 26.75 -4.21
N LEU A 1028 -9.69 26.39 -5.30
CA LEU A 1028 -9.61 25.05 -5.86
C LEU A 1028 -8.45 24.91 -6.85
N LEU A 1029 -8.16 25.97 -7.60
CA LEU A 1029 -7.15 25.87 -8.65
C LEU A 1029 -5.75 25.80 -8.07
N ILE A 1030 -5.45 26.63 -7.05
CA ILE A 1030 -4.12 26.64 -6.46
C ILE A 1030 -3.84 25.37 -5.68
N THR A 1031 -4.87 24.68 -5.20
CA THR A 1031 -4.66 23.50 -4.36
C THR A 1031 -4.29 22.28 -5.20
N ALA A 1032 -5.08 21.99 -6.24
CA ALA A 1032 -4.85 20.80 -7.04
C ALA A 1032 -3.52 20.86 -7.79
N PHE A 1033 -3.06 22.06 -8.14
CA PHE A 1033 -1.80 22.20 -8.85
C PHE A 1033 -0.63 22.44 -7.90
N ASN A 1034 -0.87 23.07 -6.74
CA ASN A 1034 0.17 23.15 -5.72
C ASN A 1034 0.39 21.83 -5.01
N SER A 1035 -0.52 20.85 -5.18
CA SER A 1035 -0.36 19.55 -4.55
C SER A 1035 0.74 18.73 -5.21
N LEU A 1036 1.11 19.06 -6.46
CA LEU A 1036 2.14 18.30 -7.15
C LEU A 1036 3.52 18.50 -6.54
N ALA A 1037 3.75 19.61 -5.85
CA ALA A 1037 5.03 19.90 -5.23
C ALA A 1037 5.19 19.23 -3.86
N TRP A 1038 4.26 18.37 -3.47
CA TRP A 1038 4.30 17.71 -2.17
C TRP A 1038 4.79 16.27 -2.32
N LYS A 1039 5.44 15.77 -1.27
CA LYS A 1039 6.15 14.50 -1.35
C LYS A 1039 5.23 13.31 -1.59
N ASP A 1040 3.94 13.43 -1.26
CA ASP A 1040 3.02 12.31 -1.42
C ASP A 1040 2.88 11.95 -2.90
N THR A 1041 3.46 10.81 -3.29
CA THR A 1041 3.50 10.44 -4.70
C THR A 1041 2.18 9.85 -5.18
N LEU A 1042 1.53 9.05 -4.34
CA LEU A 1042 0.26 8.44 -4.75
C LEU A 1042 -0.83 9.49 -4.95
N SER A 1043 -0.80 10.57 -4.19
CA SER A 1043 -1.77 11.65 -4.37
C SER A 1043 -1.46 12.52 -5.58
N CYS A 1044 -0.22 12.51 -6.06
CA CYS A 1044 0.14 13.31 -7.23
C CYS A 1044 -0.46 12.70 -8.49
N GLN A 1045 -0.31 11.39 -8.67
CA GLN A 1045 -0.86 10.73 -9.85
C GLN A 1045 -2.38 10.78 -9.86
N ARG A 1046 -3.00 10.87 -8.69
CA ARG A 1046 -4.47 10.88 -8.62
C ARG A 1046 -5.03 12.19 -9.17
N THR A 1047 -4.38 13.31 -8.87
CA THR A 1047 -4.91 14.61 -9.28
C THR A 1047 -4.53 14.96 -10.72
N THR A 1048 -3.39 14.48 -11.20
CA THR A 1048 -2.91 14.87 -12.51
C THR A 1048 -3.86 14.42 -13.62
N SER A 1049 -4.03 13.10 -13.76
CA SER A 1049 -4.76 12.57 -14.90
C SER A 1049 -6.28 12.72 -14.74
N GLN A 1050 -6.78 12.67 -13.51
CA GLN A 1050 -8.21 12.67 -13.24
C GLN A 1050 -8.76 14.07 -12.93
N LEU A 1051 -8.03 14.87 -12.16
CA LEU A 1051 -8.55 16.11 -11.62
C LEU A 1051 -7.98 17.38 -12.25
N CYS A 1052 -6.66 17.43 -12.46
CA CYS A 1052 -6.02 18.70 -12.83
C CYS A 1052 -6.44 19.17 -14.22
N TRP A 1053 -6.67 18.26 -15.16
CA TRP A 1053 -7.00 18.70 -16.51
C TRP A 1053 -8.42 19.23 -16.64
N PRO A 1054 -9.45 18.58 -16.07
CA PRO A 1054 -10.79 19.17 -16.13
C PRO A 1054 -10.87 20.55 -15.48
N LEU A 1055 -9.93 20.91 -14.61
CA LEU A 1055 -9.90 22.24 -14.01
C LEU A 1055 -9.54 23.32 -15.02
N LEU A 1056 -9.19 22.96 -16.25
CA LEU A 1056 -8.85 23.92 -17.29
C LEU A 1056 -9.86 23.96 -18.43
N LYS A 1057 -10.49 22.83 -18.76
CA LYS A 1057 -11.47 22.79 -19.85
C LYS A 1057 -12.73 23.57 -19.54
N GLN A 1058 -12.97 23.94 -18.28
CA GLN A 1058 -14.16 24.68 -17.89
C GLN A 1058 -13.86 26.12 -17.48
N VAL A 1059 -12.62 26.56 -17.60
CA VAL A 1059 -12.24 27.95 -17.32
C VAL A 1059 -11.59 28.60 -18.53
N LEU A 1060 -11.83 28.07 -19.73
CA LEU A 1060 -11.23 28.63 -20.93
C LEU A 1060 -11.71 30.05 -21.18
N SER A 1061 -12.92 30.38 -20.74
CA SER A 1061 -13.42 31.75 -20.86
C SER A 1061 -12.83 32.68 -19.80
N GLY A 1062 -12.39 32.13 -18.66
CA GLY A 1062 -11.83 32.95 -17.61
C GLY A 1062 -10.32 32.84 -17.51
N THR A 1063 -9.72 31.88 -18.23
CA THR A 1063 -8.28 31.75 -18.22
C THR A 1063 -7.60 32.99 -18.80
N LEU A 1064 -8.23 33.60 -19.80
CA LEU A 1064 -7.69 34.83 -20.37
C LEU A 1064 -7.68 35.96 -19.34
N LEU A 1065 -8.75 36.06 -18.54
CA LEU A 1065 -8.84 37.07 -17.50
C LEU A 1065 -8.00 36.72 -16.28
N ALA A 1066 -7.84 35.43 -16.00
CA ALA A 1066 -7.12 35.03 -14.79
C ALA A 1066 -5.61 35.21 -14.95
N ASP A 1067 -5.09 34.95 -16.15
CA ASP A 1067 -3.65 35.00 -16.41
C ASP A 1067 -2.88 34.10 -15.47
N ALA A 1068 -3.41 32.90 -15.22
CA ALA A 1068 -2.83 31.93 -14.31
C ALA A 1068 -1.71 31.11 -14.96
N VAL A 1069 -1.18 31.54 -16.10
CA VAL A 1069 -0.11 30.80 -16.76
C VAL A 1069 1.17 30.86 -15.93
N THR A 1070 1.34 31.90 -15.12
CA THR A 1070 2.57 32.03 -14.33
C THR A 1070 2.63 31.01 -13.21
N TRP A 1071 1.55 30.88 -12.44
CA TRP A 1071 1.54 29.96 -11.30
C TRP A 1071 1.40 28.51 -11.75
N LEU A 1072 0.63 28.25 -12.81
CA LEU A 1072 0.37 26.88 -13.24
C LEU A 1072 1.65 26.18 -13.70
N PHE A 1073 2.41 26.83 -14.60
CA PHE A 1073 3.59 26.19 -15.15
C PHE A 1073 4.65 25.96 -14.09
N THR A 1074 4.81 26.90 -13.17
CA THR A 1074 5.74 26.71 -12.06
C THR A 1074 5.27 25.61 -11.13
N SER A 1075 3.94 25.46 -10.95
CA SER A 1075 3.43 24.41 -10.08
C SER A 1075 3.65 23.03 -10.69
N VAL A 1076 3.37 22.88 -11.99
CA VAL A 1076 3.55 21.58 -12.63
C VAL A 1076 5.03 21.24 -12.77
N LEU A 1077 5.85 22.24 -13.09
CA LEU A 1077 7.29 22.00 -13.22
C LEU A 1077 7.91 21.64 -11.88
N LYS A 1078 7.60 22.41 -10.84
CA LYS A 1078 8.11 22.08 -9.50
C LYS A 1078 7.57 20.74 -9.03
N GLY A 1079 6.34 20.38 -9.44
CA GLY A 1079 5.82 19.08 -9.10
C GLY A 1079 6.56 17.95 -9.78
N LEU A 1080 6.95 18.15 -11.04
CA LEU A 1080 7.81 17.19 -11.71
C LEU A 1080 9.16 17.09 -11.00
N GLN A 1081 9.72 18.22 -10.60
CA GLN A 1081 10.97 18.21 -9.84
C GLN A 1081 10.81 17.48 -8.51
N MET A 1082 9.60 17.46 -7.95
CA MET A 1082 9.41 16.88 -6.63
C MET A 1082 9.53 15.36 -6.66
N HIS A 1083 8.65 14.69 -7.40
CA HIS A 1083 8.68 13.21 -7.43
C HIS A 1083 9.61 12.73 -8.54
N GLY A 1084 9.24 12.99 -9.79
CA GLY A 1084 10.13 12.76 -10.90
C GLY A 1084 10.43 11.31 -11.21
N GLN A 1085 10.96 10.60 -10.21
CA GLN A 1085 11.46 9.25 -10.41
C GLN A 1085 10.35 8.26 -10.75
N HIS A 1086 9.15 8.46 -10.21
CA HIS A 1086 8.06 7.52 -10.45
C HIS A 1086 7.61 7.60 -11.91
N ASP A 1087 7.51 6.43 -12.55
CA ASP A 1087 7.14 6.40 -13.97
C ASP A 1087 5.70 6.87 -14.19
N GLY A 1088 4.80 6.54 -13.26
CA GLY A 1088 3.43 6.99 -13.40
C GLY A 1088 3.28 8.50 -13.31
N CYS A 1089 3.95 9.10 -12.31
CA CYS A 1089 3.91 10.55 -12.18
C CYS A 1089 4.65 11.23 -13.33
N MET A 1090 5.62 10.55 -13.94
CA MET A 1090 6.28 11.11 -15.12
C MET A 1090 5.34 11.10 -16.32
N ALA A 1091 4.66 9.99 -16.55
CA ALA A 1091 3.76 9.89 -17.70
C ALA A 1091 2.57 10.83 -17.54
N SER A 1092 1.97 10.87 -16.36
CA SER A 1092 0.80 11.72 -16.15
C SER A 1092 1.19 13.20 -16.07
N LEU A 1093 2.30 13.50 -15.39
CA LEU A 1093 2.74 14.88 -15.29
C LEU A 1093 3.22 15.44 -16.62
N VAL A 1094 3.76 14.59 -17.48
CA VAL A 1094 4.11 15.03 -18.83
C VAL A 1094 2.86 15.15 -19.69
N HIS A 1095 1.89 14.25 -19.49
CA HIS A 1095 0.61 14.38 -20.17
C HIS A 1095 -0.04 15.73 -19.85
N LEU A 1096 0.02 16.15 -18.59
CA LEU A 1096 -0.44 17.50 -18.25
C LEU A 1096 0.47 18.55 -18.87
N ALA A 1097 1.79 18.34 -18.80
CA ALA A 1097 2.73 19.30 -19.38
C ALA A 1097 2.52 19.45 -20.88
N PHE A 1098 2.05 18.39 -21.55
CA PHE A 1098 1.71 18.49 -22.96
C PHE A 1098 0.37 19.18 -23.17
N GLN A 1099 -0.59 18.94 -22.26
CA GLN A 1099 -1.89 19.59 -22.38
C GLN A 1099 -1.79 21.08 -22.12
N ILE A 1100 -1.00 21.47 -21.11
CA ILE A 1100 -0.79 22.90 -20.84
C ILE A 1100 0.15 23.55 -21.83
N TYR A 1101 0.85 22.76 -22.65
CA TYR A 1101 1.76 23.32 -23.64
C TYR A 1101 1.00 23.86 -24.85
N GLU A 1102 0.15 23.02 -25.45
CA GLU A 1102 -0.61 23.42 -26.63
C GLU A 1102 -1.85 24.24 -26.31
N ALA A 1103 -2.08 24.59 -25.03
CA ALA A 1103 -3.23 25.37 -24.63
C ALA A 1103 -2.90 26.81 -24.29
N LEU A 1104 -1.72 27.07 -23.72
CA LEU A 1104 -1.35 28.41 -23.30
C LEU A 1104 -0.32 29.08 -24.21
N ARG A 1105 0.35 28.31 -25.08
CA ARG A 1105 1.37 28.83 -25.98
C ARG A 1105 0.77 29.75 -27.05
N PRO A 1106 -0.34 29.38 -27.72
CA PRO A 1106 -0.94 30.31 -28.69
C PRO A 1106 -1.65 31.49 -28.05
N ARG A 1107 -1.53 31.63 -26.73
CA ARG A 1107 -2.17 32.71 -26.00
C ARG A 1107 -1.20 33.63 -25.29
N TYR A 1108 -0.13 33.10 -24.71
CA TYR A 1108 0.84 33.89 -23.98
C TYR A 1108 2.25 33.59 -24.47
N LEU A 1109 3.12 34.60 -24.36
CA LEU A 1109 4.54 34.43 -24.63
C LEU A 1109 5.37 34.25 -23.37
N GLU A 1110 4.75 34.39 -22.19
CA GLU A 1110 5.47 34.24 -20.94
C GLU A 1110 5.77 32.79 -20.59
N ILE A 1111 5.34 31.83 -21.41
CA ILE A 1111 5.72 30.44 -21.19
C ILE A 1111 7.21 30.26 -21.37
N ARG A 1112 7.79 30.89 -22.39
CA ARG A 1112 9.21 30.77 -22.68
C ARG A 1112 10.10 31.35 -21.58
N ALA A 1113 9.52 32.12 -20.65
CA ALA A 1113 10.32 32.64 -19.55
C ALA A 1113 10.80 31.53 -18.63
N VAL A 1114 9.97 30.50 -18.42
CA VAL A 1114 10.35 29.36 -17.61
C VAL A 1114 10.68 28.13 -18.44
N MET A 1115 10.11 28.01 -19.65
CA MET A 1115 10.44 26.90 -20.53
C MET A 1115 11.92 26.89 -20.90
N GLU A 1116 12.56 28.06 -20.90
CA GLU A 1116 13.99 28.13 -21.16
C GLU A 1116 14.83 28.04 -19.90
N GLN A 1117 14.23 28.26 -18.72
CA GLN A 1117 14.95 28.12 -17.47
C GLN A 1117 15.25 26.65 -17.13
N ILE A 1118 14.62 25.71 -17.83
CA ILE A 1118 14.92 24.29 -17.66
C ILE A 1118 16.34 24.06 -18.16
N PRO A 1119 17.23 23.48 -17.34
CA PRO A 1119 18.61 23.30 -17.76
C PRO A 1119 18.74 22.30 -18.90
N GLU A 1120 19.91 22.33 -19.54
CA GLU A 1120 20.24 21.47 -20.67
C GLU A 1120 19.21 21.63 -21.80
N ILE A 1121 19.17 22.85 -22.35
CA ILE A 1121 18.25 23.20 -23.42
C ILE A 1121 19.01 23.98 -24.48
N GLN A 1122 18.88 23.56 -25.73
CA GLN A 1122 19.43 24.30 -26.87
C GLN A 1122 18.32 25.15 -27.47
N LYS A 1123 18.61 26.44 -27.66
CA LYS A 1123 17.62 27.33 -28.27
C LYS A 1123 17.30 26.92 -29.70
N ASP A 1124 18.25 26.29 -30.39
CA ASP A 1124 17.96 25.76 -31.72
C ASP A 1124 16.96 24.61 -31.65
N SER A 1125 17.13 23.71 -30.68
CA SER A 1125 16.19 22.60 -30.53
C SER A 1125 14.81 23.09 -30.14
N LEU A 1126 14.74 23.98 -29.13
CA LEU A 1126 13.45 24.50 -28.70
C LEU A 1126 12.76 25.25 -29.82
N ASP A 1127 13.44 26.24 -30.40
CA ASP A 1127 12.84 27.04 -31.46
C ASP A 1127 12.54 26.21 -32.70
N GLN A 1128 13.23 25.09 -32.89
CA GLN A 1128 12.93 24.17 -33.98
C GLN A 1128 11.88 23.13 -33.59
N PHE A 1129 11.42 23.14 -32.34
CA PHE A 1129 10.28 22.33 -31.93
C PHE A 1129 9.15 23.16 -31.33
N ASP A 1130 9.28 24.48 -31.28
CA ASP A 1130 8.26 25.38 -30.78
C ASP A 1130 7.56 26.16 -31.88
N CYS A 1131 8.31 26.83 -32.75
CA CYS A 1131 7.70 27.58 -33.84
C CYS A 1131 6.98 26.67 -34.81
N LYS A 1132 7.53 25.49 -35.06
CA LYS A 1132 6.84 24.51 -35.91
C LYS A 1132 5.59 23.97 -35.22
N LEU A 1133 5.57 23.97 -33.89
CA LEU A 1133 4.37 23.62 -33.14
C LEU A 1133 3.42 24.80 -32.98
N LEU A 1134 3.92 26.03 -33.11
CA LEU A 1134 3.07 27.20 -33.00
C LEU A 1134 2.05 27.24 -34.13
N ASN A 1135 2.50 27.02 -35.36
CA ASN A 1135 1.59 26.91 -36.49
C ASN A 1135 1.01 25.50 -36.54
N PRO A 1136 -0.32 25.35 -36.65
CA PRO A 1136 -0.92 24.00 -36.62
C PRO A 1136 -0.41 23.10 -37.73
N SER A 1137 -0.60 23.52 -38.99
CA SER A 1137 -0.19 22.74 -40.15
C SER A 1137 -0.71 21.30 -40.10
N LEU A 1138 -1.89 21.11 -39.47
CA LEU A 1138 -2.45 19.77 -39.35
C LEU A 1138 -2.90 19.23 -40.71
N GLN A 1139 -3.38 20.11 -41.59
CA GLN A 1139 -3.68 19.69 -42.95
C GLN A 1139 -2.44 19.32 -43.74
N LYS A 1140 -1.27 19.81 -43.33
CA LYS A 1140 -0.02 19.47 -43.99
C LYS A 1140 0.70 18.31 -43.29
N VAL A 1141 0.92 18.44 -41.99
CA VAL A 1141 1.60 17.41 -41.20
C VAL A 1141 0.71 17.06 -40.01
N ALA A 1142 0.32 15.80 -39.92
CA ALA A 1142 -0.52 15.32 -38.83
C ALA A 1142 0.31 14.46 -37.89
N ASP A 1143 0.21 14.73 -36.59
CA ASP A 1143 0.99 14.02 -35.58
C ASP A 1143 0.13 13.81 -34.34
N LYS A 1144 0.20 12.61 -33.77
CA LYS A 1144 -0.50 12.27 -32.55
C LYS A 1144 0.39 12.06 -31.34
N ARG A 1145 1.69 11.85 -31.56
CA ARG A 1145 2.63 11.52 -30.48
C ARG A 1145 3.70 12.60 -30.33
N ARG A 1146 3.28 13.87 -30.36
CA ARG A 1146 4.19 14.97 -30.12
C ARG A 1146 4.63 15.06 -28.67
N LYS A 1147 4.15 14.19 -27.79
CA LYS A 1147 4.59 14.19 -26.39
C LYS A 1147 6.03 13.73 -26.27
N ASP A 1148 6.36 12.60 -26.90
CA ASP A 1148 7.73 12.08 -26.88
C ASP A 1148 8.71 12.98 -27.62
N GLN A 1149 8.26 14.08 -28.21
CA GLN A 1149 9.13 14.99 -28.94
C GLN A 1149 9.68 16.09 -28.06
N PHE A 1150 8.88 16.61 -27.13
CA PHE A 1150 9.32 17.66 -26.22
C PHE A 1150 9.67 17.14 -24.83
N LYS A 1151 9.59 15.82 -24.61
CA LYS A 1151 10.09 15.26 -23.35
C LYS A 1151 11.57 15.53 -23.18
N ARG A 1152 12.33 15.57 -24.28
CA ARG A 1152 13.73 15.97 -24.20
C ARG A 1152 13.87 17.45 -23.92
N LEU A 1153 12.87 18.26 -24.27
CA LEU A 1153 12.92 19.70 -24.01
C LEU A 1153 12.74 20.03 -22.54
N ILE A 1154 12.25 19.09 -21.73
CA ILE A 1154 12.07 19.29 -20.29
C ILE A 1154 12.66 18.07 -19.60
N ALA A 1155 13.88 18.20 -19.07
CA ALA A 1155 14.53 17.10 -18.36
C ALA A 1155 15.17 17.51 -17.06
N GLY A 1156 15.46 18.79 -16.83
CA GLY A 1156 15.88 19.24 -15.51
C GLY A 1156 14.84 19.05 -14.44
N CYS A 1157 13.59 18.82 -14.83
CA CYS A 1157 12.51 18.54 -13.90
C CYS A 1157 12.12 17.07 -13.87
N ILE A 1158 12.73 16.24 -14.72
CA ILE A 1158 12.39 14.82 -14.77
C ILE A 1158 12.77 14.12 -13.47
N GLY A 1159 13.76 14.63 -12.74
CA GLY A 1159 14.11 14.06 -11.44
C GLY A 1159 14.89 12.76 -11.54
N LYS A 1160 15.77 12.51 -10.57
CA LYS A 1160 16.58 11.30 -10.59
C LYS A 1160 16.57 10.64 -9.22
N PRO A 1161 16.49 9.31 -9.16
CA PRO A 1161 16.53 8.62 -7.88
C PRO A 1161 17.93 8.66 -7.27
N LEU A 1162 17.97 8.53 -5.95
CA LEU A 1162 19.24 8.45 -5.25
C LEU A 1162 19.99 7.18 -5.66
N GLY A 1163 21.22 7.35 -6.13
CA GLY A 1163 21.95 6.23 -6.69
C GLY A 1163 23.40 6.11 -6.25
N GLU A 1164 23.70 6.48 -5.01
CA GLU A 1164 25.05 6.32 -4.48
C GLU A 1164 25.16 5.22 -3.44
N GLN A 1165 24.06 4.87 -2.76
CA GLN A 1165 24.10 3.89 -1.67
C GLN A 1165 23.58 2.53 -2.13
N PHE A 1166 22.36 2.47 -2.64
CA PHE A 1166 21.75 1.23 -3.11
C PHE A 1166 21.64 1.32 -4.63
N ARG A 1167 22.69 0.86 -5.32
CA ARG A 1167 22.79 1.04 -6.76
C ARG A 1167 21.94 0.03 -7.52
N LYS A 1168 22.06 -1.24 -7.17
CA LYS A 1168 21.44 -2.30 -7.97
C LYS A 1168 19.95 -2.43 -7.71
N GLU A 1169 19.49 -2.22 -6.48
CA GLU A 1169 18.10 -2.47 -6.14
C GLU A 1169 17.18 -1.46 -6.80
N VAL A 1170 17.61 -0.20 -6.90
CA VAL A 1170 16.77 0.82 -7.54
C VAL A 1170 16.70 0.59 -9.04
N HIS A 1171 17.79 0.13 -9.65
CA HIS A 1171 17.81 -0.05 -11.10
C HIS A 1171 16.92 -1.21 -11.53
N ILE A 1172 17.07 -2.37 -10.88
CA ILE A 1172 16.29 -3.55 -11.23
C ILE A 1172 14.93 -3.45 -10.55
N LYS A 1173 13.88 -3.35 -11.36
CA LYS A 1173 12.51 -3.23 -10.85
C LYS A 1173 11.69 -4.50 -11.09
N ASN A 1174 12.29 -5.56 -11.62
CA ASN A 1174 11.62 -6.82 -11.84
C ASN A 1174 12.06 -7.90 -10.85
N LEU A 1175 12.66 -7.51 -9.73
CA LEU A 1175 13.04 -8.44 -8.68
C LEU A 1175 12.12 -8.26 -7.48
N PRO A 1176 11.30 -9.25 -7.15
CA PRO A 1176 10.43 -9.12 -5.96
C PRO A 1176 11.25 -9.12 -4.68
N SER A 1177 10.84 -8.27 -3.74
CA SER A 1177 11.54 -8.17 -2.47
C SER A 1177 11.41 -9.46 -1.68
N LEU A 1178 12.54 -9.93 -1.14
CA LEU A 1178 12.53 -11.15 -0.33
C LEU A 1178 11.77 -10.97 0.98
N PHE A 1179 11.51 -9.72 1.39
CA PHE A 1179 10.73 -9.42 2.58
C PHE A 1179 11.30 -10.09 3.83
#